data_1WQE
#
_entry.id   1WQE
#
_entity_poly.entity_id   1
_entity_poly.type   'polypeptide(L)'
_entity_poly.pdbx_seq_one_letter_code
;NDPCEEVCIQHTGDVKACEEACQ
;
_entity_poly.pdbx_strand_id   A
#
# COMPACT_ATOMS: atom_id res chain seq x y z
N ASN A 1 -3.90 3.25 10.03
CA ASN A 1 -3.48 2.93 8.64
C ASN A 1 -4.66 3.04 7.67
N ASP A 2 -4.36 3.24 6.40
CA ASP A 2 -5.39 3.37 5.37
C ASP A 2 -5.66 2.03 4.70
N PRO A 3 -6.93 1.74 4.36
CA PRO A 3 -7.32 0.49 3.71
C PRO A 3 -6.59 0.31 2.38
N CYS A 4 -6.41 1.40 1.68
CA CYS A 4 -5.73 1.38 0.40
C CYS A 4 -4.32 0.83 0.57
N GLU A 5 -3.45 1.62 1.21
CA GLU A 5 -2.08 1.20 1.46
C GLU A 5 -2.06 -0.17 2.12
N GLU A 6 -3.09 -0.45 2.91
CA GLU A 6 -3.22 -1.71 3.59
C GLU A 6 -3.51 -2.84 2.60
N VAL A 7 -4.33 -2.52 1.60
CA VAL A 7 -4.67 -3.50 0.58
C VAL A 7 -3.45 -3.84 -0.25
N CYS A 8 -2.62 -2.83 -0.52
CA CYS A 8 -1.41 -3.03 -1.30
C CYS A 8 -0.44 -3.91 -0.53
N ILE A 9 0.02 -3.42 0.61
CA ILE A 9 0.97 -4.16 1.42
C ILE A 9 0.45 -5.57 1.69
N GLN A 10 -0.86 -5.68 1.94
CA GLN A 10 -1.47 -6.98 2.20
C GLN A 10 -1.51 -7.83 0.93
N HIS A 11 -1.37 -7.18 -0.22
CA HIS A 11 -1.40 -7.90 -1.50
C HIS A 11 0.01 -8.15 -2.04
N THR A 12 0.76 -7.07 -2.23
CA THR A 12 2.12 -7.17 -2.75
C THR A 12 3.17 -6.84 -1.68
N GLY A 13 2.71 -6.38 -0.52
CA GLY A 13 3.64 -6.03 0.54
C GLY A 13 4.58 -4.91 0.13
N ASP A 14 4.22 -4.21 -0.95
CA ASP A 14 5.01 -3.12 -1.45
C ASP A 14 4.58 -1.80 -0.83
N VAL A 15 5.11 -1.55 0.36
CA VAL A 15 4.79 -0.35 1.12
C VAL A 15 5.09 0.90 0.31
N LYS A 16 6.37 1.19 0.11
CA LYS A 16 6.79 2.36 -0.64
C LYS A 16 6.03 2.47 -1.95
N ALA A 17 5.60 1.33 -2.48
CA ALA A 17 4.85 1.32 -3.74
C ALA A 17 3.50 1.99 -3.56
N CYS A 18 2.69 1.48 -2.64
CA CYS A 18 1.38 2.08 -2.41
C CYS A 18 1.54 3.43 -1.74
N GLU A 19 2.63 3.57 -1.00
CA GLU A 19 2.92 4.82 -0.30
C GLU A 19 2.83 6.01 -1.25
N GLU A 20 3.42 5.84 -2.42
CA GLU A 20 3.41 6.89 -3.43
C GLU A 20 2.18 6.77 -4.33
N ALA A 21 1.78 5.53 -4.62
CA ALA A 21 0.62 5.29 -5.46
C ALA A 21 -0.68 5.71 -4.78
N CYS A 22 -0.63 5.81 -3.45
CA CYS A 22 -1.81 6.20 -2.68
C CYS A 22 -1.58 7.52 -1.94
N GLN A 23 -0.32 7.88 -1.74
CA GLN A 23 0.03 9.12 -1.05
C GLN A 23 -0.49 9.11 0.39
N ASN A 1 -5.08 2.91 10.10
CA ASN A 1 -4.42 2.67 8.79
C ASN A 1 -5.40 2.84 7.64
N ASP A 2 -4.87 2.97 6.43
CA ASP A 2 -5.71 3.14 5.25
C ASP A 2 -5.94 1.81 4.55
N PRO A 3 -7.18 1.55 4.09
CA PRO A 3 -7.52 0.29 3.41
C PRO A 3 -6.72 0.12 2.13
N CYS A 4 -6.54 1.22 1.41
CA CYS A 4 -5.78 1.21 0.17
C CYS A 4 -4.37 0.69 0.41
N GLU A 5 -3.57 1.50 1.09
CA GLU A 5 -2.20 1.12 1.41
C GLU A 5 -2.18 -0.24 2.10
N GLU A 6 -3.24 -0.54 2.84
CA GLU A 6 -3.36 -1.80 3.54
C GLU A 6 -3.57 -2.94 2.54
N VAL A 7 -4.34 -2.67 1.50
CA VAL A 7 -4.61 -3.67 0.47
C VAL A 7 -3.34 -3.97 -0.30
N CYS A 8 -2.54 -2.94 -0.54
CA CYS A 8 -1.28 -3.12 -1.25
C CYS A 8 -0.32 -3.95 -0.44
N ILE A 9 0.07 -3.42 0.72
CA ILE A 9 0.99 -4.12 1.59
C ILE A 9 0.52 -5.55 1.87
N GLN A 10 -0.79 -5.70 2.06
CA GLN A 10 -1.36 -7.02 2.31
C GLN A 10 -1.38 -7.87 1.05
N HIS A 11 -1.24 -7.23 -0.11
CA HIS A 11 -1.25 -7.95 -1.38
C HIS A 11 0.16 -8.21 -1.90
N THR A 12 0.95 -7.15 -2.02
CA THR A 12 2.32 -7.26 -2.51
C THR A 12 3.34 -6.88 -1.43
N GLY A 13 2.86 -6.38 -0.30
CA GLY A 13 3.77 -5.98 0.76
C GLY A 13 4.67 -4.84 0.35
N ASP A 14 4.33 -4.18 -0.75
CA ASP A 14 5.10 -3.07 -1.26
C ASP A 14 4.63 -1.76 -0.64
N VAL A 15 5.11 -1.51 0.56
CA VAL A 15 4.75 -0.30 1.30
C VAL A 15 5.05 0.95 0.51
N LYS A 16 6.33 1.25 0.35
CA LYS A 16 6.74 2.44 -0.40
C LYS A 16 6.02 2.53 -1.73
N ALA A 17 5.63 1.39 -2.27
CA ALA A 17 4.92 1.36 -3.55
C ALA A 17 3.55 2.00 -3.42
N CYS A 18 2.72 1.48 -2.52
CA CYS A 18 1.39 2.06 -2.32
C CYS A 18 1.51 3.41 -1.66
N GLU A 19 2.56 3.58 -0.89
CA GLU A 19 2.82 4.83 -0.17
C GLU A 19 2.76 6.01 -1.13
N GLU A 20 3.39 5.85 -2.27
CA GLU A 20 3.41 6.90 -3.29
C GLU A 20 2.23 6.75 -4.25
N ALA A 21 1.82 5.51 -4.49
CA ALA A 21 0.71 5.23 -5.39
C ALA A 21 -0.63 5.64 -4.77
N CYS A 22 -0.66 5.76 -3.45
CA CYS A 22 -1.88 6.14 -2.74
C CYS A 22 -1.68 7.45 -1.99
N GLN A 23 -0.49 7.63 -1.42
CA GLN A 23 -0.18 8.84 -0.67
C GLN A 23 -1.11 8.99 0.53
N ASN A 1 -3.66 3.22 9.37
CA ASN A 1 -3.20 2.84 8.01
C ASN A 1 -4.35 2.88 7.01
N ASP A 2 -4.11 3.52 5.86
CA ASP A 2 -5.13 3.62 4.82
C ASP A 2 -5.46 2.25 4.25
N PRO A 3 -6.77 1.96 4.04
CA PRO A 3 -7.20 0.68 3.50
C PRO A 3 -6.54 0.36 2.18
N CYS A 4 -6.36 1.39 1.37
CA CYS A 4 -5.72 1.24 0.06
C CYS A 4 -4.33 0.63 0.22
N GLU A 5 -3.41 1.42 0.77
CA GLU A 5 -2.05 0.96 0.99
C GLU A 5 -2.06 -0.38 1.72
N GLU A 6 -3.05 -0.57 2.58
CA GLU A 6 -3.19 -1.82 3.33
C GLU A 6 -3.61 -2.97 2.41
N VAL A 7 -4.47 -2.65 1.45
CA VAL A 7 -4.95 -3.64 0.51
C VAL A 7 -3.82 -4.12 -0.40
N CYS A 8 -2.94 -3.20 -0.75
CA CYS A 8 -1.81 -3.54 -1.61
C CYS A 8 -0.63 -4.04 -0.78
N ILE A 9 -0.54 -3.58 0.47
CA ILE A 9 0.53 -4.00 1.35
C ILE A 9 0.31 -5.45 1.79
N GLN A 10 -0.96 -5.83 1.91
CA GLN A 10 -1.32 -7.19 2.32
C GLN A 10 -1.47 -8.10 1.09
N HIS A 11 -1.22 -7.57 -0.10
CA HIS A 11 -1.34 -8.35 -1.33
C HIS A 11 0.01 -8.51 -2.02
N THR A 12 0.74 -7.40 -2.12
CA THR A 12 2.04 -7.40 -2.77
C THR A 12 3.16 -7.13 -1.77
N GLY A 13 2.83 -6.43 -0.70
CA GLY A 13 3.82 -6.11 0.31
C GLY A 13 4.59 -4.85 -0.02
N ASP A 14 4.44 -4.37 -1.26
CA ASP A 14 5.11 -3.17 -1.70
C ASP A 14 4.58 -1.94 -0.96
N VAL A 15 5.06 -1.79 0.25
CA VAL A 15 4.65 -0.69 1.11
C VAL A 15 5.02 0.65 0.51
N LYS A 16 6.31 0.99 0.55
CA LYS A 16 6.78 2.26 0.01
C LYS A 16 6.21 2.51 -1.38
N ALA A 17 5.95 1.43 -2.10
CA ALA A 17 5.40 1.53 -3.45
C ALA A 17 4.00 2.14 -3.41
N CYS A 18 3.10 1.50 -2.66
CA CYS A 18 1.74 2.01 -2.56
C CYS A 18 1.71 3.29 -1.75
N GLU A 19 2.67 3.43 -0.86
CA GLU A 19 2.78 4.61 -0.01
C GLU A 19 2.78 5.88 -0.86
N GLU A 20 3.55 5.85 -1.94
CA GLU A 20 3.64 6.99 -2.84
C GLU A 20 2.60 6.88 -3.95
N ALA A 21 2.28 5.67 -4.36
CA ALA A 21 1.30 5.44 -5.42
C ALA A 21 -0.13 5.59 -4.90
N CYS A 22 -0.29 5.62 -3.58
CA CYS A 22 -1.61 5.76 -2.98
C CYS A 22 -1.77 7.14 -2.34
N GLN A 23 -0.66 7.72 -1.90
CA GLN A 23 -0.68 9.04 -1.27
C GLN A 23 -1.50 9.02 0.01
N ASN A 1 -4.15 4.14 9.51
CA ASN A 1 -3.81 3.59 8.17
C ASN A 1 -5.01 3.63 7.24
N ASP A 2 -4.76 3.45 5.94
CA ASP A 2 -5.82 3.46 4.94
C ASP A 2 -5.98 2.08 4.30
N PRO A 3 -7.23 1.69 4.00
CA PRO A 3 -7.53 0.39 3.39
C PRO A 3 -6.73 0.18 2.11
N CYS A 4 -6.55 1.26 1.37
CA CYS A 4 -5.80 1.21 0.11
C CYS A 4 -4.39 0.70 0.37
N GLU A 5 -3.58 1.52 1.04
CA GLU A 5 -2.21 1.14 1.35
C GLU A 5 -2.18 -0.23 2.04
N GLU A 6 -3.23 -0.51 2.80
CA GLU A 6 -3.35 -1.78 3.50
C GLU A 6 -3.56 -2.93 2.51
N VAL A 7 -4.36 -2.67 1.49
CA VAL A 7 -4.65 -3.66 0.47
C VAL A 7 -3.38 -3.98 -0.31
N CYS A 8 -2.57 -2.96 -0.54
CA CYS A 8 -1.32 -3.12 -1.27
C CYS A 8 -0.34 -3.95 -0.46
N ILE A 9 0.07 -3.41 0.69
CA ILE A 9 1.01 -4.08 1.56
C ILE A 9 0.58 -5.53 1.83
N GLN A 10 -0.72 -5.72 2.03
CA GLN A 10 -1.26 -7.05 2.30
C GLN A 10 -1.37 -7.88 1.01
N HIS A 11 -1.35 -7.20 -0.13
CA HIS A 11 -1.45 -7.88 -1.41
C HIS A 11 -0.12 -8.46 -1.85
N THR A 12 0.97 -7.88 -1.35
CA THR A 12 2.31 -8.33 -1.71
C THR A 12 3.33 -7.89 -0.67
N GLY A 13 3.22 -6.65 -0.25
CA GLY A 13 4.13 -6.09 0.72
C GLY A 13 4.89 -4.89 0.19
N ASP A 14 4.41 -4.34 -0.92
CA ASP A 14 5.04 -3.18 -1.54
C ASP A 14 4.56 -1.91 -0.86
N VAL A 15 5.01 -1.74 0.36
CA VAL A 15 4.67 -0.58 1.18
C VAL A 15 4.98 0.71 0.47
N LYS A 16 6.26 1.02 0.33
CA LYS A 16 6.69 2.24 -0.32
C LYS A 16 6.00 2.41 -1.67
N ALA A 17 5.59 1.29 -2.26
CA ALA A 17 4.92 1.31 -3.54
C ALA A 17 3.55 1.98 -3.42
N CYS A 18 2.70 1.45 -2.56
CA CYS A 18 1.38 2.04 -2.36
C CYS A 18 1.50 3.36 -1.65
N GLU A 19 2.55 3.48 -0.84
CA GLU A 19 2.80 4.70 -0.08
C GLU A 19 2.78 5.91 -1.00
N GLU A 20 3.42 5.78 -2.15
CA GLU A 20 3.47 6.86 -3.12
C GLU A 20 2.32 6.76 -4.13
N ALA A 21 1.91 5.52 -4.43
CA ALA A 21 0.82 5.29 -5.37
C ALA A 21 -0.54 5.56 -4.74
N CYS A 22 -0.58 5.69 -3.41
CA CYS A 22 -1.83 5.94 -2.71
C CYS A 22 -1.85 7.36 -2.14
N GLN A 23 -0.67 7.90 -1.84
CA GLN A 23 -0.56 9.24 -1.29
C GLN A 23 0.88 9.73 -1.33
N ASN A 1 -1.90 3.59 9.14
CA ASN A 1 -1.70 2.91 7.83
C ASN A 1 -2.90 3.11 6.90
N ASP A 2 -2.64 3.51 5.68
CA ASP A 2 -3.70 3.73 4.70
C ASP A 2 -4.37 2.41 4.31
N PRO A 3 -5.71 2.40 4.18
CA PRO A 3 -6.46 1.19 3.81
C PRO A 3 -6.09 0.69 2.42
N CYS A 4 -5.86 1.63 1.52
CA CYS A 4 -5.49 1.31 0.15
C CYS A 4 -4.15 0.59 0.13
N GLU A 5 -3.09 1.30 0.52
CA GLU A 5 -1.75 0.73 0.56
C GLU A 5 -1.74 -0.51 1.45
N GLU A 6 -2.64 -0.54 2.43
CA GLU A 6 -2.73 -1.68 3.34
C GLU A 6 -3.30 -2.89 2.62
N VAL A 7 -4.41 -2.69 1.92
CA VAL A 7 -5.04 -3.76 1.17
C VAL A 7 -4.16 -4.18 0.02
N CYS A 8 -3.41 -3.23 -0.53
CA CYS A 8 -2.50 -3.48 -1.62
C CYS A 8 -1.21 -4.12 -1.10
N ILE A 9 -0.83 -3.74 0.10
CA ILE A 9 0.38 -4.29 0.71
C ILE A 9 0.18 -5.76 1.03
N GLN A 10 -0.99 -6.10 1.53
CA GLN A 10 -1.32 -7.49 1.87
C GLN A 10 -1.55 -8.32 0.61
N HIS A 11 -1.72 -7.65 -0.53
CA HIS A 11 -1.96 -8.35 -1.80
C HIS A 11 -0.72 -8.33 -2.69
N THR A 12 0.09 -7.29 -2.56
CA THR A 12 1.29 -7.16 -3.37
C THR A 12 2.54 -7.16 -2.51
N GLY A 13 2.48 -6.49 -1.37
CA GLY A 13 3.61 -6.42 -0.47
C GLY A 13 4.44 -5.16 -0.68
N ASP A 14 4.41 -4.63 -1.90
CA ASP A 14 5.17 -3.43 -2.22
C ASP A 14 4.63 -2.24 -1.43
N VAL A 15 5.11 -2.12 -0.21
CA VAL A 15 4.70 -1.05 0.68
C VAL A 15 5.06 0.32 0.13
N LYS A 16 6.34 0.65 0.20
CA LYS A 16 6.82 1.94 -0.29
C LYS A 16 6.29 2.23 -1.69
N ALA A 17 6.05 1.18 -2.45
CA ALA A 17 5.53 1.33 -3.80
C ALA A 17 4.11 1.87 -3.78
N CYS A 18 3.23 1.22 -3.03
CA CYS A 18 1.85 1.67 -2.94
C CYS A 18 1.78 2.96 -2.15
N GLU A 19 2.72 3.13 -1.22
CA GLU A 19 2.78 4.32 -0.40
C GLU A 19 2.79 5.58 -1.26
N GLU A 20 3.61 5.55 -2.31
CA GLU A 20 3.72 6.67 -3.22
C GLU A 20 2.65 6.59 -4.31
N ALA A 21 2.31 5.36 -4.70
CA ALA A 21 1.29 5.15 -5.73
C ALA A 21 -0.10 5.51 -5.23
N CYS A 22 -0.29 5.48 -3.91
CA CYS A 22 -1.57 5.80 -3.31
C CYS A 22 -1.46 7.02 -2.40
N GLN A 23 -0.52 7.89 -2.71
CA GLN A 23 -0.30 9.11 -1.93
C GLN A 23 -1.61 9.84 -1.66
N ASN A 1 -1.08 3.75 9.05
CA ASN A 1 -1.00 3.29 7.63
C ASN A 1 -2.33 3.50 6.91
N ASP A 2 -2.27 3.53 5.58
CA ASP A 2 -3.47 3.73 4.78
C ASP A 2 -4.13 2.39 4.45
N PRO A 3 -5.48 2.36 4.42
CA PRO A 3 -6.24 1.14 4.13
C PRO A 3 -5.97 0.63 2.73
N CYS A 4 -5.80 1.56 1.82
CA CYS A 4 -5.53 1.24 0.42
C CYS A 4 -4.18 0.54 0.30
N GLU A 5 -3.11 1.26 0.62
CA GLU A 5 -1.77 0.71 0.56
C GLU A 5 -1.68 -0.53 1.45
N GLU A 6 -2.50 -0.56 2.51
CA GLU A 6 -2.52 -1.69 3.43
C GLU A 6 -3.12 -2.91 2.74
N VAL A 7 -4.29 -2.73 2.16
CA VAL A 7 -4.97 -3.80 1.45
C VAL A 7 -4.15 -4.24 0.25
N CYS A 8 -3.44 -3.28 -0.33
CA CYS A 8 -2.58 -3.54 -1.47
C CYS A 8 -1.28 -4.18 -1.01
N ILE A 9 -0.82 -3.78 0.18
CA ILE A 9 0.40 -4.32 0.74
C ILE A 9 0.23 -5.82 0.99
N GLN A 10 -0.94 -6.19 1.51
CA GLN A 10 -1.24 -7.58 1.78
C GLN A 10 -1.31 -8.39 0.49
N HIS A 11 -1.42 -7.69 -0.65
CA HIS A 11 -1.50 -8.36 -1.94
C HIS A 11 -0.17 -8.30 -2.68
N THR A 12 0.41 -7.11 -2.75
CA THR A 12 1.68 -6.90 -3.44
C THR A 12 2.86 -6.92 -2.48
N GLY A 13 2.66 -6.33 -1.30
CA GLY A 13 3.71 -6.30 -0.30
C GLY A 13 4.56 -5.05 -0.39
N ASP A 14 4.76 -4.55 -1.61
CA ASP A 14 5.57 -3.36 -1.83
C ASP A 14 4.90 -2.12 -1.23
N VAL A 15 5.19 -1.90 0.04
CA VAL A 15 4.63 -0.78 0.79
C VAL A 15 4.95 0.55 0.12
N LYS A 16 6.22 0.96 0.20
CA LYS A 16 6.66 2.22 -0.39
C LYS A 16 6.11 2.40 -1.80
N ALA A 17 5.92 1.29 -2.50
CA ALA A 17 5.40 1.33 -3.86
C ALA A 17 3.98 1.83 -3.87
N CYS A 18 3.11 1.16 -3.11
CA CYS A 18 1.71 1.58 -3.03
C CYS A 18 1.59 2.92 -2.33
N GLU A 19 2.53 3.17 -1.41
CA GLU A 19 2.54 4.42 -0.66
C GLU A 19 2.50 5.62 -1.58
N GLU A 20 3.31 5.58 -2.63
CA GLU A 20 3.38 6.66 -3.60
C GLU A 20 2.37 6.45 -4.73
N ALA A 21 2.09 5.19 -5.03
CA ALA A 21 1.14 4.85 -6.09
C ALA A 21 -0.30 5.09 -5.65
N CYS A 22 -0.52 5.13 -4.34
CA CYS A 22 -1.86 5.36 -3.79
C CYS A 22 -1.96 6.73 -3.15
N GLN A 23 -0.84 7.19 -2.59
CA GLN A 23 -0.81 8.49 -1.93
C GLN A 23 -1.78 8.54 -0.76
N ASN A 1 -3.22 3.82 9.12
CA ASN A 1 -2.87 3.58 7.70
C ASN A 1 -4.10 3.65 6.79
N ASP A 2 -3.86 3.78 5.50
CA ASP A 2 -4.95 3.85 4.53
C ASP A 2 -5.32 2.47 4.00
N PRO A 3 -6.62 2.19 3.83
CA PRO A 3 -7.09 0.90 3.33
C PRO A 3 -6.44 0.53 2.01
N CYS A 4 -6.26 1.53 1.18
CA CYS A 4 -5.63 1.33 -0.14
C CYS A 4 -4.26 0.71 0.03
N GLU A 5 -3.32 1.50 0.54
CA GLU A 5 -1.96 1.02 0.75
C GLU A 5 -1.98 -0.28 1.54
N GLU A 6 -2.97 -0.43 2.41
CA GLU A 6 -3.10 -1.65 3.21
C GLU A 6 -3.53 -2.82 2.34
N VAL A 7 -4.42 -2.54 1.39
CA VAL A 7 -4.91 -3.58 0.49
C VAL A 7 -3.81 -4.08 -0.40
N CYS A 8 -2.94 -3.18 -0.83
CA CYS A 8 -1.82 -3.56 -1.69
C CYS A 8 -0.61 -3.98 -0.86
N ILE A 9 -0.59 -3.57 0.41
CA ILE A 9 0.51 -3.92 1.30
C ILE A 9 0.38 -5.38 1.73
N GLN A 10 -0.84 -5.82 1.97
CA GLN A 10 -1.10 -7.20 2.38
C GLN A 10 -1.33 -8.11 1.18
N HIS A 11 -1.18 -7.56 -0.03
CA HIS A 11 -1.38 -8.34 -1.25
C HIS A 11 -0.12 -8.39 -2.10
N THR A 12 0.59 -7.26 -2.17
CA THR A 12 1.81 -7.17 -2.96
C THR A 12 3.04 -7.07 -2.06
N GLY A 13 2.88 -6.39 -0.92
CA GLY A 13 3.99 -6.24 -0.01
C GLY A 13 4.74 -4.95 -0.24
N ASP A 14 4.67 -4.42 -1.46
CA ASP A 14 5.35 -3.18 -1.81
C ASP A 14 4.72 -2.01 -1.07
N VAL A 15 5.04 -1.93 0.20
CA VAL A 15 4.52 -0.88 1.07
C VAL A 15 4.89 0.51 0.55
N LYS A 16 6.17 0.85 0.69
CA LYS A 16 6.65 2.16 0.24
C LYS A 16 6.18 2.46 -1.18
N ALA A 17 5.96 1.40 -1.97
CA ALA A 17 5.50 1.57 -3.34
C ALA A 17 4.09 2.13 -3.37
N CYS A 18 3.18 1.46 -2.70
CA CYS A 18 1.79 1.92 -2.66
C CYS A 18 1.69 3.19 -1.83
N GLU A 19 2.59 3.32 -0.86
CA GLU A 19 2.62 4.48 0.01
C GLU A 19 2.67 5.76 -0.81
N GLU A 20 3.52 5.76 -1.84
CA GLU A 20 3.67 6.91 -2.71
C GLU A 20 2.62 6.87 -3.82
N ALA A 21 2.32 5.66 -4.29
CA ALA A 21 1.34 5.48 -5.36
C ALA A 21 -0.07 5.85 -4.89
N CYS A 22 -0.29 5.79 -3.58
CA CYS A 22 -1.60 6.11 -3.01
C CYS A 22 -1.49 7.30 -2.05
N GLN A 23 -0.52 8.17 -2.31
CA GLN A 23 -0.30 9.36 -1.48
C GLN A 23 -1.58 10.17 -1.34
N ASN A 1 -4.35 3.63 9.92
CA ASN A 1 -3.89 3.21 8.58
C ASN A 1 -4.99 3.39 7.53
N ASP A 2 -4.66 3.10 6.27
CA ASP A 2 -5.62 3.24 5.19
C ASP A 2 -5.86 1.89 4.50
N PRO A 3 -7.11 1.62 4.09
CA PRO A 3 -7.46 0.36 3.42
C PRO A 3 -6.67 0.17 2.14
N CYS A 4 -6.46 1.27 1.44
CA CYS A 4 -5.71 1.24 0.19
C CYS A 4 -4.31 0.68 0.44
N GLU A 5 -3.48 1.47 1.10
CA GLU A 5 -2.13 1.05 1.42
C GLU A 5 -2.14 -0.31 2.09
N GLU A 6 -3.21 -0.58 2.83
CA GLU A 6 -3.35 -1.86 3.53
C GLU A 6 -3.60 -2.98 2.53
N VAL A 7 -4.38 -2.69 1.49
CA VAL A 7 -4.67 -3.66 0.46
C VAL A 7 -3.41 -4.01 -0.32
N CYS A 8 -2.59 -2.99 -0.55
CA CYS A 8 -1.33 -3.18 -1.27
C CYS A 8 -0.40 -4.07 -0.47
N ILE A 9 0.01 -3.58 0.68
CA ILE A 9 0.91 -4.33 1.54
C ILE A 9 0.39 -5.75 1.77
N GLN A 10 -0.92 -5.87 1.97
CA GLN A 10 -1.53 -7.17 2.18
C GLN A 10 -1.53 -8.00 0.89
N HIS A 11 -1.41 -7.31 -0.25
CA HIS A 11 -1.39 -7.98 -1.54
C HIS A 11 0.04 -8.28 -1.99
N THR A 12 0.84 -7.23 -2.11
CA THR A 12 2.23 -7.39 -2.55
C THR A 12 3.18 -7.30 -1.36
N GLY A 13 2.91 -6.37 -0.46
CA GLY A 13 3.74 -6.20 0.70
C GLY A 13 4.77 -5.10 0.54
N ASP A 14 4.46 -4.12 -0.32
CA ASP A 14 5.37 -3.01 -0.56
C ASP A 14 4.75 -1.69 -0.11
N VAL A 15 5.07 -1.32 1.11
CA VAL A 15 4.58 -0.09 1.71
C VAL A 15 4.97 1.12 0.88
N LYS A 16 6.25 1.23 0.59
CA LYS A 16 6.75 2.35 -0.19
C LYS A 16 6.10 2.38 -1.56
N ALA A 17 5.69 1.22 -2.05
CA ALA A 17 5.04 1.14 -3.35
C ALA A 17 3.67 1.79 -3.30
N CYS A 18 2.81 1.31 -2.41
CA CYS A 18 1.49 1.91 -2.29
C CYS A 18 1.58 3.29 -1.68
N GLU A 19 2.61 3.49 -0.88
CA GLU A 19 2.83 4.78 -0.23
C GLU A 19 2.77 5.90 -1.25
N GLU A 20 3.51 5.70 -2.34
CA GLU A 20 3.55 6.68 -3.43
C GLU A 20 2.34 6.52 -4.35
N ALA A 21 1.95 5.27 -4.57
CA ALA A 21 0.80 4.98 -5.44
C ALA A 21 -0.51 5.41 -4.80
N CYS A 22 -0.50 5.64 -3.48
CA CYS A 22 -1.69 6.06 -2.77
C CYS A 22 -1.48 7.40 -2.07
N GLN A 23 -0.56 8.20 -2.61
CA GLN A 23 -0.26 9.51 -2.05
C GLN A 23 -1.32 10.53 -2.45
N ASN A 1 -3.88 3.97 9.46
CA ASN A 1 -3.65 3.11 8.26
C ASN A 1 -4.85 3.16 7.32
N ASP A 2 -4.58 3.35 6.03
CA ASP A 2 -5.63 3.41 5.03
C ASP A 2 -5.85 2.04 4.38
N PRO A 3 -7.12 1.70 4.06
CA PRO A 3 -7.45 0.42 3.44
C PRO A 3 -6.67 0.19 2.15
N CYS A 4 -6.46 1.27 1.43
CA CYS A 4 -5.72 1.22 0.17
C CYS A 4 -4.32 0.67 0.42
N GLU A 5 -3.49 1.45 1.09
CA GLU A 5 -2.13 1.04 1.39
C GLU A 5 -2.13 -0.33 2.08
N GLU A 6 -3.20 -0.60 2.83
CA GLU A 6 -3.34 -1.88 3.51
C GLU A 6 -3.59 -3.00 2.52
N VAL A 7 -4.39 -2.71 1.49
CA VAL A 7 -4.70 -3.68 0.47
C VAL A 7 -3.44 -4.00 -0.34
N CYS A 8 -2.61 -2.99 -0.53
CA CYS A 8 -1.36 -3.16 -1.27
C CYS A 8 -0.42 -4.07 -0.50
N ILE A 9 0.02 -3.59 0.66
CA ILE A 9 0.93 -4.37 1.50
C ILE A 9 0.40 -5.78 1.70
N GLN A 10 -0.91 -5.90 1.91
CA GLN A 10 -1.54 -7.20 2.12
C GLN A 10 -1.60 -7.99 0.81
N HIS A 11 -1.43 -7.31 -0.31
CA HIS A 11 -1.47 -7.97 -1.62
C HIS A 11 -0.07 -8.23 -2.16
N THR A 12 0.73 -7.17 -2.26
CA THR A 12 2.09 -7.29 -2.77
C THR A 12 3.11 -7.23 -1.65
N GLY A 13 2.81 -6.44 -0.62
CA GLY A 13 3.71 -6.31 0.50
C GLY A 13 4.77 -5.26 0.29
N ASP A 14 4.38 -4.13 -0.26
CA ASP A 14 5.31 -3.04 -0.52
C ASP A 14 4.73 -1.70 -0.07
N VAL A 15 5.05 -1.32 1.15
CA VAL A 15 4.57 -0.09 1.74
C VAL A 15 4.98 1.12 0.90
N LYS A 16 6.27 1.24 0.65
CA LYS A 16 6.77 2.36 -0.14
C LYS A 16 6.13 2.39 -1.51
N ALA A 17 5.73 1.22 -2.01
CA ALA A 17 5.08 1.14 -3.31
C ALA A 17 3.72 1.80 -3.27
N CYS A 18 2.85 1.33 -2.39
CA CYS A 18 1.52 1.91 -2.28
C CYS A 18 1.62 3.30 -1.67
N GLU A 19 2.64 3.50 -0.87
CA GLU A 19 2.86 4.79 -0.22
C GLU A 19 2.80 5.91 -1.23
N GLU A 20 3.53 5.72 -2.32
CA GLU A 20 3.58 6.70 -3.40
C GLU A 20 2.40 6.52 -4.35
N ALA A 21 2.01 5.27 -4.59
CA ALA A 21 0.90 4.96 -5.48
C ALA A 21 -0.44 5.31 -4.85
N CYS A 22 -0.44 5.55 -3.54
CA CYS A 22 -1.67 5.88 -2.82
C CYS A 22 -1.60 7.27 -2.22
N GLN A 23 -0.39 7.67 -1.79
CA GLN A 23 -0.17 8.99 -1.19
C GLN A 23 -1.32 9.39 -0.27
N ASN A 1 -3.39 2.52 10.28
CA ASN A 1 -2.97 2.27 8.87
C ASN A 1 -4.13 2.49 7.91
N ASP A 2 -3.80 2.91 6.68
CA ASP A 2 -4.81 3.17 5.67
C ASP A 2 -5.20 1.88 4.96
N PRO A 3 -6.51 1.71 4.65
CA PRO A 3 -7.00 0.51 3.96
C PRO A 3 -6.37 0.34 2.60
N CYS A 4 -6.18 1.45 1.91
CA CYS A 4 -5.57 1.45 0.59
C CYS A 4 -4.18 0.81 0.65
N GLU A 5 -3.24 1.53 1.27
CA GLU A 5 -1.88 1.02 1.40
C GLU A 5 -1.90 -0.36 2.06
N GLU A 6 -2.90 -0.59 2.90
CA GLU A 6 -3.05 -1.86 3.58
C GLU A 6 -3.45 -2.95 2.58
N VAL A 7 -4.29 -2.58 1.62
CA VAL A 7 -4.73 -3.51 0.60
C VAL A 7 -3.57 -3.88 -0.30
N CYS A 8 -2.71 -2.90 -0.58
CA CYS A 8 -1.54 -3.12 -1.41
C CYS A 8 -0.60 -4.11 -0.75
N ILE A 9 -0.07 -3.70 0.40
CA ILE A 9 0.85 -4.54 1.15
C ILE A 9 0.25 -5.94 1.35
N GLN A 10 -1.04 -5.98 1.66
CA GLN A 10 -1.73 -7.25 1.87
C GLN A 10 -1.89 -8.01 0.55
N HIS A 11 -1.81 -7.28 -0.56
CA HIS A 11 -1.95 -7.89 -1.89
C HIS A 11 -0.60 -8.30 -2.46
N THR A 12 0.38 -7.41 -2.32
CA THR A 12 1.72 -7.67 -2.83
C THR A 12 2.75 -7.62 -1.71
N GLY A 13 2.61 -6.63 -0.83
CA GLY A 13 3.53 -6.48 0.28
C GLY A 13 4.58 -5.42 0.02
N ASP A 14 4.26 -4.45 -0.84
CA ASP A 14 5.20 -3.38 -1.16
C ASP A 14 4.68 -2.04 -0.63
N VAL A 15 5.10 -1.73 0.59
CA VAL A 15 4.72 -0.50 1.24
C VAL A 15 5.13 0.71 0.43
N LYS A 16 6.40 0.74 0.04
CA LYS A 16 6.91 1.84 -0.76
C LYS A 16 6.15 1.97 -2.06
N ALA A 17 5.67 0.85 -2.59
CA ALA A 17 4.91 0.85 -3.82
C ALA A 17 3.61 1.61 -3.64
N CYS A 18 2.79 1.15 -2.71
CA CYS A 18 1.52 1.83 -2.47
C CYS A 18 1.76 3.18 -1.82
N GLU A 19 2.86 3.28 -1.11
CA GLU A 19 3.23 4.52 -0.43
C GLU A 19 3.10 5.70 -1.39
N GLU A 20 3.69 5.51 -2.56
CA GLU A 20 3.67 6.53 -3.60
C GLU A 20 2.44 6.38 -4.48
N ALA A 21 1.97 5.15 -4.65
CA ALA A 21 0.80 4.86 -5.47
C ALA A 21 -0.51 5.14 -4.71
N CYS A 22 -0.41 5.44 -3.42
CA CYS A 22 -1.59 5.72 -2.61
C CYS A 22 -1.61 7.18 -2.16
N GLN A 23 -0.42 7.75 -1.96
CA GLN A 23 -0.31 9.14 -1.52
C GLN A 23 -0.76 10.09 -2.63
N ASN A 1 -4.05 2.60 10.19
CA ASN A 1 -3.58 2.64 8.78
C ASN A 1 -4.76 2.77 7.80
N ASP A 2 -4.43 2.96 6.53
CA ASP A 2 -5.46 3.11 5.50
C ASP A 2 -5.72 1.78 4.80
N PRO A 3 -6.98 1.50 4.43
CA PRO A 3 -7.34 0.25 3.75
C PRO A 3 -6.59 0.09 2.44
N CYS A 4 -6.40 1.21 1.76
CA CYS A 4 -5.68 1.21 0.48
C CYS A 4 -4.27 0.66 0.68
N GLU A 5 -3.43 1.43 1.36
CA GLU A 5 -2.07 1.00 1.63
C GLU A 5 -2.06 -0.40 2.26
N GLU A 6 -3.11 -0.69 3.02
CA GLU A 6 -3.24 -1.99 3.66
C GLU A 6 -3.54 -3.06 2.62
N VAL A 7 -4.33 -2.71 1.61
CA VAL A 7 -4.67 -3.63 0.55
C VAL A 7 -3.44 -3.98 -0.27
N CYS A 8 -2.58 -2.99 -0.48
CA CYS A 8 -1.35 -3.20 -1.23
C CYS A 8 -0.39 -4.08 -0.46
N ILE A 9 0.06 -3.58 0.69
CA ILE A 9 0.99 -4.33 1.53
C ILE A 9 0.49 -5.74 1.79
N GLN A 10 -0.81 -5.87 2.04
CA GLN A 10 -1.41 -7.17 2.30
C GLN A 10 -1.55 -7.99 1.01
N HIS A 11 -1.49 -7.30 -0.14
CA HIS A 11 -1.61 -7.97 -1.42
C HIS A 11 -0.24 -8.42 -1.94
N THR A 12 0.75 -7.54 -1.78
CA THR A 12 2.10 -7.84 -2.23
C THR A 12 3.11 -7.61 -1.12
N GLY A 13 2.92 -6.51 -0.38
CA GLY A 13 3.82 -6.17 0.69
C GLY A 13 4.80 -5.09 0.31
N ASP A 14 4.40 -4.28 -0.67
CA ASP A 14 5.24 -3.19 -1.15
C ASP A 14 4.75 -1.85 -0.59
N VAL A 15 5.15 -1.59 0.64
CA VAL A 15 4.77 -0.36 1.33
C VAL A 15 5.12 0.86 0.50
N LYS A 16 6.38 0.96 0.11
CA LYS A 16 6.84 2.09 -0.69
C LYS A 16 6.04 2.20 -1.98
N ALA A 17 5.57 1.07 -2.49
CA ALA A 17 4.80 1.06 -3.72
C ALA A 17 3.46 1.76 -3.51
N CYS A 18 2.68 1.28 -2.55
CA CYS A 18 1.40 1.91 -2.28
C CYS A 18 1.59 3.27 -1.64
N GLU A 19 2.70 3.41 -0.94
CA GLU A 19 3.04 4.66 -0.28
C GLU A 19 2.91 5.83 -1.23
N GLU A 20 3.50 5.67 -2.41
CA GLU A 20 3.46 6.69 -3.44
C GLU A 20 2.24 6.53 -4.33
N ALA A 21 1.80 5.28 -4.50
CA ALA A 21 0.63 4.99 -5.33
C ALA A 21 -0.68 5.28 -4.59
N CYS A 22 -0.59 5.52 -3.29
CA CYS A 22 -1.77 5.81 -2.47
C CYS A 22 -1.75 7.24 -1.97
N GLN A 23 -0.55 7.77 -1.73
CA GLN A 23 -0.40 9.14 -1.24
C GLN A 23 0.94 9.72 -1.68
N ASN A 1 -2.69 3.92 9.23
CA ASN A 1 -2.39 3.29 7.92
C ASN A 1 -3.56 3.44 6.95
N ASP A 2 -3.25 3.52 5.66
CA ASP A 2 -4.27 3.66 4.64
C ASP A 2 -4.84 2.29 4.23
N PRO A 3 -6.15 2.21 4.00
CA PRO A 3 -6.80 0.96 3.61
C PRO A 3 -6.32 0.46 2.26
N CYS A 4 -6.07 1.40 1.37
CA CYS A 4 -5.60 1.08 0.03
C CYS A 4 -4.21 0.46 0.11
N GLU A 5 -3.24 1.23 0.56
CA GLU A 5 -1.87 0.74 0.70
C GLU A 5 -1.84 -0.49 1.61
N GLU A 6 -2.80 -0.56 2.53
CA GLU A 6 -2.90 -1.69 3.44
C GLU A 6 -3.32 -2.95 2.69
N VAL A 7 -4.40 -2.82 1.94
CA VAL A 7 -4.92 -3.93 1.15
C VAL A 7 -3.92 -4.30 0.06
N CYS A 8 -3.21 -3.30 -0.42
CA CYS A 8 -2.20 -3.50 -1.45
C CYS A 8 -0.96 -4.13 -0.86
N ILE A 9 -0.60 -3.70 0.35
CA ILE A 9 0.57 -4.26 1.02
C ILE A 9 0.32 -5.73 1.35
N GLN A 10 -0.92 -6.06 1.68
CA GLN A 10 -1.29 -7.43 2.00
C GLN A 10 -1.31 -8.30 0.75
N HIS A 11 -1.30 -7.67 -0.43
CA HIS A 11 -1.33 -8.40 -1.69
C HIS A 11 0.03 -8.34 -2.39
N THR A 12 0.73 -7.23 -2.23
CA THR A 12 2.05 -7.05 -2.86
C THR A 12 3.14 -6.86 -1.83
N GLY A 13 2.81 -6.23 -0.72
CA GLY A 13 3.79 -5.99 0.32
C GLY A 13 4.58 -4.71 0.08
N ASP A 14 4.42 -4.14 -1.12
CA ASP A 14 5.11 -2.93 -1.49
C ASP A 14 4.56 -1.74 -0.71
N VAL A 15 5.09 -1.55 0.47
CA VAL A 15 4.66 -0.46 1.35
C VAL A 15 5.02 0.90 0.78
N LYS A 16 6.28 1.28 0.91
CA LYS A 16 6.73 2.58 0.41
C LYS A 16 6.26 2.81 -1.03
N ALA A 17 6.12 1.73 -1.78
CA ALA A 17 5.67 1.82 -3.16
C ALA A 17 4.22 2.28 -3.23
N CYS A 18 3.35 1.59 -2.51
CA CYS A 18 1.94 1.96 -2.49
C CYS A 18 1.74 3.27 -1.75
N GLU A 19 2.61 3.52 -0.80
CA GLU A 19 2.55 4.74 0.01
C GLU A 19 2.55 5.97 -0.88
N GLU A 20 3.44 6.00 -1.86
CA GLU A 20 3.54 7.12 -2.79
C GLU A 20 2.62 6.91 -3.99
N ALA A 21 2.38 5.66 -4.35
CA ALA A 21 1.52 5.33 -5.48
C ALA A 21 0.04 5.55 -5.14
N CYS A 22 -0.27 5.51 -3.85
CA CYS A 22 -1.65 5.70 -3.39
C CYS A 22 -1.80 7.01 -2.64
N GLN A 23 -0.83 7.91 -2.81
CA GLN A 23 -0.85 9.20 -2.14
C GLN A 23 -1.93 10.11 -2.75
N ASN A 1 -3.19 3.85 9.29
CA ASN A 1 -2.71 3.26 8.01
C ASN A 1 -3.79 3.36 6.93
N ASP A 2 -3.36 3.63 5.71
CA ASP A 2 -4.29 3.75 4.58
C ASP A 2 -4.85 2.37 4.19
N PRO A 3 -6.17 2.26 4.01
CA PRO A 3 -6.81 1.00 3.62
C PRO A 3 -6.33 0.50 2.27
N CYS A 4 -6.13 1.42 1.36
CA CYS A 4 -5.67 1.10 0.02
C CYS A 4 -4.27 0.50 0.08
N GLU A 5 -3.31 1.30 0.53
CA GLU A 5 -1.93 0.84 0.64
C GLU A 5 -1.87 -0.39 1.55
N GLU A 6 -2.80 -0.48 2.48
CA GLU A 6 -2.85 -1.61 3.40
C GLU A 6 -3.27 -2.87 2.65
N VAL A 7 -4.38 -2.77 1.93
CA VAL A 7 -4.89 -3.89 1.15
C VAL A 7 -3.92 -4.24 0.05
N CYS A 8 -3.23 -3.22 -0.46
CA CYS A 8 -2.25 -3.40 -1.52
C CYS A 8 -0.94 -3.92 -0.94
N ILE A 9 -0.64 -3.52 0.29
CA ILE A 9 0.57 -3.96 0.96
C ILE A 9 0.51 -5.46 1.23
N GLN A 10 -0.64 -5.92 1.71
CA GLN A 10 -0.83 -7.33 2.00
C GLN A 10 -1.14 -8.13 0.74
N HIS A 11 -1.27 -7.43 -0.39
CA HIS A 11 -1.56 -8.09 -1.65
C HIS A 11 -0.30 -8.31 -2.48
N THR A 12 0.58 -7.33 -2.47
CA THR A 12 1.83 -7.41 -3.23
C THR A 12 3.04 -7.37 -2.30
N GLY A 13 3.00 -6.48 -1.32
CA GLY A 13 4.09 -6.35 -0.38
C GLY A 13 4.96 -5.14 -0.66
N ASP A 14 4.38 -4.14 -1.33
CA ASP A 14 5.11 -2.92 -1.66
C ASP A 14 4.53 -1.73 -0.89
N VAL A 15 5.04 -1.54 0.30
CA VAL A 15 4.59 -0.47 1.17
C VAL A 15 4.92 0.90 0.59
N LYS A 16 6.19 1.29 0.71
CA LYS A 16 6.62 2.60 0.19
C LYS A 16 6.12 2.82 -1.23
N ALA A 17 6.01 1.73 -1.99
CA ALA A 17 5.53 1.81 -3.36
C ALA A 17 4.09 2.29 -3.40
N CYS A 18 3.21 1.61 -2.68
CA CYS A 18 1.80 2.00 -2.65
C CYS A 18 1.63 3.30 -1.90
N GLU A 19 2.52 3.53 -0.95
CA GLU A 19 2.48 4.74 -0.13
C GLU A 19 2.43 5.99 -1.01
N GLU A 20 3.27 6.00 -2.03
CA GLU A 20 3.32 7.14 -2.96
C GLU A 20 2.38 6.91 -4.15
N ALA A 21 2.20 5.65 -4.52
CA ALA A 21 1.33 5.31 -5.64
C ALA A 21 -0.14 5.52 -5.28
N CYS A 22 -0.44 5.48 -3.99
CA CYS A 22 -1.81 5.66 -3.53
C CYS A 22 -1.96 6.96 -2.74
N GLN A 23 -0.86 7.39 -2.12
CA GLN A 23 -0.88 8.62 -1.33
C GLN A 23 -1.88 8.53 -0.19
N ASN A 1 -3.55 3.94 9.46
CA ASN A 1 -3.24 3.28 8.16
C ASN A 1 -4.39 3.43 7.18
N ASP A 2 -4.07 3.36 5.89
CA ASP A 2 -5.08 3.49 4.84
C ASP A 2 -5.43 2.12 4.27
N PRO A 3 -6.72 1.88 3.99
CA PRO A 3 -7.19 0.60 3.43
C PRO A 3 -6.53 0.30 2.10
N CYS A 4 -6.35 1.33 1.30
CA CYS A 4 -5.72 1.19 -0.01
C CYS A 4 -4.32 0.61 0.15
N GLU A 5 -3.41 1.40 0.70
CA GLU A 5 -2.05 0.96 0.92
C GLU A 5 -2.04 -0.38 1.66
N GLU A 6 -3.03 -0.58 2.52
CA GLU A 6 -3.15 -1.81 3.28
C GLU A 6 -3.54 -2.97 2.38
N VAL A 7 -4.42 -2.70 1.41
CA VAL A 7 -4.88 -3.71 0.48
C VAL A 7 -3.74 -4.17 -0.42
N CYS A 8 -2.88 -3.22 -0.80
CA CYS A 8 -1.75 -3.55 -1.66
C CYS A 8 -0.53 -3.94 -0.83
N ILE A 9 -0.54 -3.58 0.46
CA ILE A 9 0.57 -3.91 1.33
C ILE A 9 0.49 -5.39 1.73
N GLN A 10 -0.72 -5.85 2.01
CA GLN A 10 -0.93 -7.24 2.40
C GLN A 10 -1.13 -8.14 1.19
N HIS A 11 -1.06 -7.56 -0.01
CA HIS A 11 -1.24 -8.32 -1.24
C HIS A 11 0.08 -8.57 -1.94
N THR A 12 1.00 -7.61 -1.86
CA THR A 12 2.30 -7.74 -2.50
C THR A 12 3.43 -7.48 -1.51
N GLY A 13 3.24 -6.47 -0.66
CA GLY A 13 4.25 -6.13 0.32
C GLY A 13 4.96 -4.83 -0.01
N ASP A 14 4.78 -4.35 -1.25
CA ASP A 14 5.40 -3.11 -1.69
C ASP A 14 4.76 -1.92 -0.98
N VAL A 15 5.03 -1.84 0.31
CA VAL A 15 4.51 -0.77 1.15
C VAL A 15 4.88 0.60 0.60
N LYS A 16 6.15 0.95 0.70
CA LYS A 16 6.63 2.23 0.21
C LYS A 16 6.13 2.50 -1.21
N ALA A 17 5.92 1.43 -1.95
CA ALA A 17 5.44 1.55 -3.32
C ALA A 17 4.04 2.14 -3.36
N CYS A 18 3.11 1.49 -2.67
CA CYS A 18 1.74 1.98 -2.62
C CYS A 18 1.67 3.27 -1.81
N GLU A 19 2.59 3.40 -0.86
CA GLU A 19 2.65 4.59 -0.02
C GLU A 19 2.68 5.84 -0.88
N GLU A 20 3.48 5.80 -1.93
CA GLU A 20 3.61 6.94 -2.84
C GLU A 20 2.60 6.83 -3.97
N ALA A 21 2.26 5.60 -4.35
CA ALA A 21 1.29 5.37 -5.43
C ALA A 21 -0.14 5.45 -4.93
N CYS A 22 -0.32 5.68 -3.63
CA CYS A 22 -1.66 5.78 -3.04
C CYS A 22 -1.88 7.16 -2.41
N GLN A 23 -0.86 8.02 -2.48
CA GLN A 23 -0.97 9.36 -1.91
C GLN A 23 -1.57 10.33 -2.92
N ASN A 1 -2.83 4.19 9.15
CA ASN A 1 -2.40 3.59 7.86
C ASN A 1 -3.53 3.63 6.84
N ASP A 2 -3.18 3.89 5.58
CA ASP A 2 -4.15 3.94 4.50
C ASP A 2 -4.71 2.55 4.19
N PRO A 3 -6.04 2.41 4.09
CA PRO A 3 -6.68 1.12 3.80
C PRO A 3 -6.23 0.55 2.47
N CYS A 4 -6.05 1.43 1.51
CA CYS A 4 -5.61 1.03 0.18
C CYS A 4 -4.21 0.41 0.25
N GLU A 5 -3.23 1.20 0.64
CA GLU A 5 -1.86 0.71 0.76
C GLU A 5 -1.81 -0.50 1.69
N GLU A 6 -2.74 -0.55 2.64
CA GLU A 6 -2.81 -1.67 3.58
C GLU A 6 -3.27 -2.93 2.88
N VAL A 7 -4.39 -2.83 2.17
CA VAL A 7 -4.94 -3.95 1.43
C VAL A 7 -3.99 -4.36 0.32
N CYS A 8 -3.26 -3.38 -0.20
CA CYS A 8 -2.30 -3.63 -1.26
C CYS A 8 -1.02 -4.21 -0.67
N ILE A 9 -0.64 -3.72 0.51
CA ILE A 9 0.55 -4.20 1.19
C ILE A 9 0.42 -5.70 1.45
N GLN A 10 -0.72 -6.11 1.98
CA GLN A 10 -0.96 -7.52 2.26
C GLN A 10 -0.88 -8.35 0.98
N HIS A 11 -1.03 -7.68 -0.17
CA HIS A 11 -0.99 -8.35 -1.46
C HIS A 11 0.43 -8.33 -2.03
N THR A 12 0.95 -7.14 -2.26
CA THR A 12 2.29 -6.97 -2.81
C THR A 12 3.35 -6.94 -1.71
N GLY A 13 3.09 -6.12 -0.70
CA GLY A 13 4.01 -5.99 0.41
C GLY A 13 4.81 -4.71 0.34
N ASP A 14 5.13 -4.26 -0.86
CA ASP A 14 5.90 -3.04 -1.05
C ASP A 14 5.14 -1.84 -0.52
N VAL A 15 5.30 -1.61 0.77
CA VAL A 15 4.64 -0.51 1.46
C VAL A 15 4.94 0.83 0.80
N LYS A 16 6.18 1.29 0.95
CA LYS A 16 6.60 2.56 0.37
C LYS A 16 6.14 2.70 -1.06
N ALA A 17 6.06 1.59 -1.77
CA ALA A 17 5.62 1.60 -3.16
C ALA A 17 4.17 2.03 -3.26
N CYS A 18 3.29 1.34 -2.55
CA CYS A 18 1.87 1.69 -2.57
C CYS A 18 1.65 3.03 -1.87
N GLU A 19 2.50 3.32 -0.91
CA GLU A 19 2.41 4.57 -0.15
C GLU A 19 2.37 5.77 -1.08
N GLU A 20 3.25 5.76 -2.07
CA GLU A 20 3.32 6.86 -3.04
C GLU A 20 2.46 6.57 -4.27
N ALA A 21 2.35 5.29 -4.62
CA ALA A 21 1.55 4.89 -5.77
C ALA A 21 0.06 5.02 -5.49
N CYS A 22 -0.30 5.01 -4.21
CA CYS A 22 -1.70 5.13 -3.81
C CYS A 22 -2.03 6.55 -3.40
N GLN A 23 -1.03 7.26 -2.88
CA GLN A 23 -1.20 8.64 -2.44
C GLN A 23 -0.68 9.62 -3.48
N ASN A 1 -3.49 2.76 10.33
CA ASN A 1 -3.06 2.70 8.92
C ASN A 1 -4.22 2.92 7.97
N ASP A 2 -3.93 2.97 6.67
CA ASP A 2 -4.96 3.18 5.66
C ASP A 2 -5.31 1.87 4.96
N PRO A 3 -6.60 1.65 4.66
CA PRO A 3 -7.07 0.44 3.98
C PRO A 3 -6.41 0.27 2.62
N CYS A 4 -6.22 1.38 1.94
CA CYS A 4 -5.60 1.38 0.62
C CYS A 4 -4.19 0.79 0.71
N GLU A 5 -3.30 1.51 1.37
CA GLU A 5 -1.92 1.06 1.52
C GLU A 5 -1.90 -0.33 2.16
N GLU A 6 -2.93 -0.60 2.98
CA GLU A 6 -3.04 -1.89 3.65
C GLU A 6 -3.39 -2.97 2.63
N VAL A 7 -4.26 -2.63 1.68
CA VAL A 7 -4.66 -3.56 0.65
C VAL A 7 -3.47 -3.91 -0.23
N CYS A 8 -2.65 -2.91 -0.52
CA CYS A 8 -1.46 -3.12 -1.32
C CYS A 8 -0.51 -4.06 -0.62
N ILE A 9 -0.05 -3.64 0.55
CA ILE A 9 0.87 -4.45 1.34
C ILE A 9 0.25 -5.82 1.62
N GLN A 10 -1.07 -5.88 1.64
CA GLN A 10 -1.77 -7.14 1.88
C GLN A 10 -1.82 -7.98 0.62
N HIS A 11 -1.60 -7.35 -0.53
CA HIS A 11 -1.62 -8.05 -1.81
C HIS A 11 -0.21 -8.24 -2.36
N THR A 12 0.52 -7.14 -2.49
CA THR A 12 1.88 -7.18 -3.01
C THR A 12 2.90 -7.18 -1.89
N GLY A 13 2.63 -6.38 -0.86
CA GLY A 13 3.53 -6.28 0.27
C GLY A 13 4.60 -5.23 0.08
N ASP A 14 4.28 -4.18 -0.66
CA ASP A 14 5.25 -3.10 -0.91
C ASP A 14 4.70 -1.76 -0.43
N VAL A 15 5.17 -1.34 0.74
CA VAL A 15 4.76 -0.08 1.33
C VAL A 15 5.11 1.09 0.42
N LYS A 16 6.36 1.14 -0.01
CA LYS A 16 6.81 2.21 -0.89
C LYS A 16 6.01 2.19 -2.18
N ALA A 17 5.55 1.01 -2.58
CA ALA A 17 4.75 0.88 -3.79
C ALA A 17 3.43 1.61 -3.64
N CYS A 18 2.64 1.22 -2.64
CA CYS A 18 1.37 1.88 -2.43
C CYS A 18 1.59 3.29 -1.93
N GLU A 19 2.69 3.48 -1.23
CA GLU A 19 3.04 4.79 -0.68
C GLU A 19 2.89 5.86 -1.74
N GLU A 20 3.43 5.56 -2.92
CA GLU A 20 3.36 6.47 -4.05
C GLU A 20 2.09 6.25 -4.86
N ALA A 21 1.62 4.99 -4.88
CA ALA A 21 0.41 4.65 -5.62
C ALA A 21 -0.86 4.87 -4.80
N CYS A 22 -0.71 5.39 -3.58
CA CYS A 22 -1.85 5.63 -2.70
C CYS A 22 -1.94 7.11 -2.34
N GLN A 23 -0.79 7.74 -2.10
CA GLN A 23 -0.74 9.14 -1.74
C GLN A 23 0.57 9.77 -2.20
N ASN A 1 -2.03 3.84 9.16
CA ASN A 1 -1.87 3.07 7.90
C ASN A 1 -3.05 3.28 6.96
N ASP A 2 -2.76 3.55 5.69
CA ASP A 2 -3.81 3.77 4.69
C ASP A 2 -4.45 2.45 4.29
N PRO A 3 -5.79 2.44 4.13
CA PRO A 3 -6.53 1.23 3.75
C PRO A 3 -6.13 0.73 2.37
N CYS A 4 -5.88 1.67 1.48
CA CYS A 4 -5.47 1.34 0.11
C CYS A 4 -4.13 0.63 0.12
N GLU A 5 -3.09 1.35 0.53
CA GLU A 5 -1.76 0.78 0.60
C GLU A 5 -1.76 -0.46 1.49
N GLU A 6 -2.67 -0.49 2.46
CA GLU A 6 -2.79 -1.63 3.36
C GLU A 6 -3.32 -2.85 2.62
N VAL A 7 -4.44 -2.65 1.91
CA VAL A 7 -5.05 -3.72 1.14
C VAL A 7 -4.14 -4.14 0.00
N CYS A 8 -3.39 -3.18 -0.51
CA CYS A 8 -2.45 -3.43 -1.60
C CYS A 8 -1.16 -4.03 -1.04
N ILE A 9 -0.81 -3.66 0.18
CA ILE A 9 0.39 -4.18 0.82
C ILE A 9 0.24 -5.67 1.09
N GLN A 10 -0.91 -6.05 1.62
CA GLN A 10 -1.19 -7.45 1.92
C GLN A 10 -1.49 -8.25 0.64
N HIS A 11 -1.63 -7.54 -0.49
CA HIS A 11 -1.92 -8.19 -1.75
C HIS A 11 -0.70 -8.20 -2.67
N THR A 12 0.13 -7.17 -2.57
CA THR A 12 1.32 -7.06 -3.40
C THR A 12 2.59 -7.10 -2.55
N GLY A 13 2.54 -6.49 -1.38
CA GLY A 13 3.67 -6.47 -0.49
C GLY A 13 4.49 -5.20 -0.63
N ASP A 14 4.57 -4.67 -1.85
CA ASP A 14 5.33 -3.46 -2.11
C ASP A 14 4.75 -2.29 -1.33
N VAL A 15 5.16 -2.19 -0.09
CA VAL A 15 4.70 -1.14 0.80
C VAL A 15 5.08 0.25 0.28
N LYS A 16 6.36 0.59 0.40
CA LYS A 16 6.84 1.89 -0.06
C LYS A 16 6.33 2.21 -1.45
N ALA A 17 6.12 1.17 -2.25
CA ALA A 17 5.62 1.35 -3.61
C ALA A 17 4.21 1.90 -3.60
N CYS A 18 3.31 1.23 -2.89
CA CYS A 18 1.93 1.69 -2.82
C CYS A 18 1.86 2.98 -2.01
N GLU A 19 2.77 3.11 -1.07
CA GLU A 19 2.83 4.31 -0.22
C GLU A 19 2.86 5.57 -1.06
N GLU A 20 3.67 5.54 -2.11
CA GLU A 20 3.80 6.68 -3.02
C GLU A 20 2.76 6.60 -4.13
N ALA A 21 2.40 5.38 -4.52
CA ALA A 21 1.42 5.17 -5.58
C ALA A 21 0.02 5.53 -5.12
N CYS A 22 -0.22 5.49 -3.81
CA CYS A 22 -1.52 5.81 -3.25
C CYS A 22 -1.43 6.98 -2.30
N GLN A 23 -0.44 7.84 -2.51
CA GLN A 23 -0.24 9.01 -1.66
C GLN A 23 -1.39 10.00 -1.84
N ASN A 1 -3.85 3.75 10.09
CA ASN A 1 -3.40 3.18 8.80
C ASN A 1 -4.47 3.32 7.72
N ASP A 2 -4.06 3.29 6.46
CA ASP A 2 -4.98 3.42 5.35
C ASP A 2 -5.31 2.05 4.75
N PRO A 3 -6.60 1.77 4.52
CA PRO A 3 -7.04 0.49 3.95
C PRO A 3 -6.38 0.20 2.61
N CYS A 4 -6.23 1.25 1.82
CA CYS A 4 -5.61 1.13 0.52
C CYS A 4 -4.19 0.59 0.65
N GLU A 5 -3.31 1.38 1.26
CA GLU A 5 -1.94 0.96 1.47
C GLU A 5 -1.90 -0.41 2.14
N GLU A 6 -2.89 -0.66 2.99
CA GLU A 6 -3.00 -1.94 3.69
C GLU A 6 -3.38 -3.05 2.70
N VAL A 7 -4.24 -2.70 1.75
CA VAL A 7 -4.69 -3.65 0.75
C VAL A 7 -3.52 -4.07 -0.14
N CYS A 8 -2.63 -3.11 -0.40
CA CYS A 8 -1.47 -3.40 -1.23
C CYS A 8 -0.48 -4.28 -0.49
N ILE A 9 0.04 -3.77 0.62
CA ILE A 9 0.99 -4.51 1.42
C ILE A 9 0.48 -5.91 1.73
N GLN A 10 -0.80 -6.02 2.04
CA GLN A 10 -1.40 -7.32 2.35
C GLN A 10 -1.59 -8.15 1.08
N HIS A 11 -1.56 -7.48 -0.07
CA HIS A 11 -1.73 -8.16 -1.35
C HIS A 11 -0.39 -8.56 -1.94
N THR A 12 0.49 -7.58 -2.13
CA THR A 12 1.81 -7.83 -2.69
C THR A 12 2.89 -7.72 -1.63
N GLY A 13 2.79 -6.69 -0.80
CA GLY A 13 3.76 -6.49 0.26
C GLY A 13 4.75 -5.40 -0.07
N ASP A 14 4.36 -4.47 -0.94
CA ASP A 14 5.24 -3.38 -1.33
C ASP A 14 4.72 -2.05 -0.79
N VAL A 15 5.19 -1.71 0.40
CA VAL A 15 4.81 -0.49 1.07
C VAL A 15 5.15 0.73 0.24
N LYS A 16 6.39 0.79 -0.22
CA LYS A 16 6.83 1.92 -1.04
C LYS A 16 6.02 2.01 -2.32
N ALA A 17 5.50 0.88 -2.77
CA ALA A 17 4.70 0.85 -3.98
C ALA A 17 3.36 1.54 -3.75
N CYS A 18 2.60 1.04 -2.79
CA CYS A 18 1.31 1.66 -2.49
C CYS A 18 1.51 3.01 -1.83
N GLU A 19 2.63 3.16 -1.16
CA GLU A 19 2.95 4.41 -0.50
C GLU A 19 2.97 5.56 -1.50
N GLU A 20 3.77 5.39 -2.55
CA GLU A 20 3.89 6.39 -3.59
C GLU A 20 2.61 6.48 -4.41
N ALA A 21 2.04 5.33 -4.74
CA ALA A 21 0.80 5.27 -5.52
C ALA A 21 -0.36 5.86 -4.73
N CYS A 22 -0.67 5.24 -3.59
CA CYS A 22 -1.77 5.68 -2.74
C CYS A 22 -1.55 7.12 -2.28
N GLN A 23 -0.29 7.55 -2.24
CA GLN A 23 0.04 8.91 -1.82
C GLN A 23 1.54 9.16 -1.93
N ASN A 1 -2.61 4.37 9.01
CA ASN A 1 -2.33 3.74 7.69
C ASN A 1 -3.51 3.89 6.74
N ASP A 2 -3.25 3.76 5.44
CA ASP A 2 -4.30 3.87 4.44
C ASP A 2 -4.86 2.51 4.06
N PRO A 3 -6.18 2.40 3.88
CA PRO A 3 -6.83 1.15 3.51
C PRO A 3 -6.34 0.61 2.18
N CYS A 4 -6.10 1.52 1.26
CA CYS A 4 -5.61 1.16 -0.06
C CYS A 4 -4.23 0.52 0.04
N GLU A 5 -3.25 1.28 0.51
CA GLU A 5 -1.89 0.76 0.67
C GLU A 5 -1.90 -0.47 1.57
N GLU A 6 -2.87 -0.53 2.48
CA GLU A 6 -2.99 -1.66 3.39
C GLU A 6 -3.42 -2.91 2.62
N VAL A 7 -4.51 -2.78 1.88
CA VAL A 7 -5.03 -3.88 1.08
C VAL A 7 -4.02 -4.25 -0.01
N CYS A 8 -3.31 -3.23 -0.48
CA CYS A 8 -2.31 -3.41 -1.52
C CYS A 8 -1.02 -3.97 -0.93
N ILE A 9 -0.77 -3.65 0.34
CA ILE A 9 0.42 -4.13 1.02
C ILE A 9 0.28 -5.62 1.30
N GLN A 10 -0.91 -6.04 1.70
CA GLN A 10 -1.18 -7.44 2.00
C GLN A 10 -1.29 -8.26 0.71
N HIS A 11 -1.43 -7.58 -0.43
CA HIS A 11 -1.57 -8.26 -1.71
C HIS A 11 -0.28 -8.14 -2.54
N THR A 12 0.44 -7.05 -2.35
CA THR A 12 1.68 -6.82 -3.09
C THR A 12 2.90 -6.95 -2.18
N GLY A 13 2.75 -6.54 -0.93
CA GLY A 13 3.85 -6.63 0.01
C GLY A 13 4.86 -5.51 -0.17
N ASP A 14 4.40 -4.38 -0.70
CA ASP A 14 5.28 -3.23 -0.93
C ASP A 14 4.65 -1.97 -0.37
N VAL A 15 4.98 -1.70 0.88
CA VAL A 15 4.46 -0.53 1.59
C VAL A 15 4.89 0.76 0.91
N LYS A 16 6.16 1.13 1.09
CA LYS A 16 6.69 2.36 0.51
C LYS A 16 6.28 2.50 -0.95
N ALA A 17 6.17 1.38 -1.65
CA ALA A 17 5.78 1.39 -3.04
C ALA A 17 4.37 1.91 -3.21
N CYS A 18 3.42 1.31 -2.49
CA CYS A 18 2.03 1.74 -2.58
C CYS A 18 1.87 3.10 -1.92
N GLU A 19 2.71 3.37 -0.94
CA GLU A 19 2.68 4.64 -0.22
C GLU A 19 2.71 5.81 -1.19
N GLU A 20 3.59 5.72 -2.18
CA GLU A 20 3.73 6.76 -3.19
C GLU A 20 2.82 6.50 -4.38
N ALA A 21 2.58 5.23 -4.67
CA ALA A 21 1.73 4.83 -5.79
C ALA A 21 0.24 5.01 -5.46
N CYS A 22 -0.07 5.16 -4.18
CA CYS A 22 -1.45 5.33 -3.74
C CYS A 22 -1.66 6.71 -3.13
N GLN A 23 -0.64 7.22 -2.45
CA GLN A 23 -0.71 8.52 -1.82
C GLN A 23 -1.79 8.56 -0.74
N ASN A 1 -3.71 2.71 9.78
CA ASN A 1 -3.30 2.82 8.36
C ASN A 1 -4.52 2.87 7.44
N ASP A 2 -4.32 3.35 6.22
CA ASP A 2 -5.39 3.47 5.25
C ASP A 2 -5.70 2.13 4.60
N PRO A 3 -6.97 1.86 4.27
CA PRO A 3 -7.39 0.61 3.64
C PRO A 3 -6.67 0.38 2.32
N CYS A 4 -6.44 1.46 1.61
CA CYS A 4 -5.75 1.40 0.33
C CYS A 4 -4.36 0.81 0.52
N GLU A 5 -3.48 1.57 1.15
CA GLU A 5 -2.13 1.11 1.41
C GLU A 5 -2.15 -0.27 2.09
N GLU A 6 -3.20 -0.50 2.87
CA GLU A 6 -3.37 -1.75 3.57
C GLU A 6 -3.69 -2.87 2.58
N VAL A 7 -4.50 -2.54 1.57
CA VAL A 7 -4.88 -3.50 0.56
C VAL A 7 -3.66 -3.89 -0.27
N CYS A 8 -2.81 -2.92 -0.53
CA CYS A 8 -1.59 -3.16 -1.31
C CYS A 8 -0.65 -4.08 -0.53
N ILE A 9 -0.19 -3.59 0.61
CA ILE A 9 0.73 -4.36 1.43
C ILE A 9 0.16 -5.75 1.72
N GLN A 10 -1.15 -5.82 1.94
CA GLN A 10 -1.80 -7.09 2.20
C GLN A 10 -1.87 -7.95 0.94
N HIS A 11 -1.71 -7.31 -0.22
CA HIS A 11 -1.76 -8.02 -1.50
C HIS A 11 -0.36 -8.35 -2.01
N THR A 12 0.45 -7.31 -2.19
CA THR A 12 1.81 -7.48 -2.69
C THR A 12 2.85 -7.16 -1.62
N GLY A 13 2.41 -6.67 -0.47
CA GLY A 13 3.34 -6.33 0.59
C GLY A 13 4.31 -5.25 0.17
N ASP A 14 3.99 -4.54 -0.91
CA ASP A 14 4.83 -3.48 -1.42
C ASP A 14 4.43 -2.15 -0.80
N VAL A 15 4.96 -1.91 0.38
CA VAL A 15 4.69 -0.69 1.13
C VAL A 15 5.04 0.55 0.32
N LYS A 16 6.32 0.78 0.12
CA LYS A 16 6.79 1.94 -0.64
C LYS A 16 6.04 2.07 -1.95
N ALA A 17 5.57 0.94 -2.48
CA ALA A 17 4.84 0.94 -3.74
C ALA A 17 3.51 1.66 -3.58
N CYS A 18 2.68 1.18 -2.66
CA CYS A 18 1.39 1.84 -2.44
C CYS A 18 1.59 3.19 -1.78
N GLU A 19 2.68 3.30 -1.04
CA GLU A 19 3.01 4.53 -0.34
C GLU A 19 2.96 5.71 -1.31
N GLU A 20 3.55 5.52 -2.48
CA GLU A 20 3.58 6.56 -3.50
C GLU A 20 2.35 6.46 -4.40
N ALA A 21 1.90 5.23 -4.65
CA ALA A 21 0.72 5.01 -5.49
C ALA A 21 -0.56 5.51 -4.82
N CYS A 22 -0.52 5.65 -3.50
CA CYS A 22 -1.68 6.11 -2.74
C CYS A 22 -1.35 7.39 -1.98
N GLN A 23 -0.40 8.16 -2.49
CA GLN A 23 0.00 9.41 -1.87
C GLN A 23 -0.96 10.54 -2.24
N ASN A 1 -2.05 4.10 8.97
CA ASN A 1 -1.74 3.54 7.63
C ASN A 1 -2.95 3.62 6.70
N ASP A 2 -2.69 3.96 5.44
CA ASP A 2 -3.75 4.06 4.45
C ASP A 2 -4.35 2.69 4.15
N PRO A 3 -5.69 2.58 4.21
CA PRO A 3 -6.38 1.31 3.93
C PRO A 3 -6.03 0.75 2.57
N CYS A 4 -5.88 1.64 1.61
CA CYS A 4 -5.53 1.25 0.25
C CYS A 4 -4.19 0.54 0.23
N GLU A 5 -3.13 1.26 0.56
CA GLU A 5 -1.79 0.69 0.58
C GLU A 5 -1.76 -0.55 1.47
N GLU A 6 -2.62 -0.57 2.49
CA GLU A 6 -2.70 -1.71 3.40
C GLU A 6 -3.26 -2.92 2.68
N VAL A 7 -4.41 -2.74 2.03
CA VAL A 7 -5.04 -3.82 1.30
C VAL A 7 -4.17 -4.23 0.13
N CYS A 8 -3.44 -3.27 -0.42
CA CYS A 8 -2.55 -3.51 -1.54
C CYS A 8 -1.27 -4.18 -1.05
N ILE A 9 -0.82 -3.81 0.14
CA ILE A 9 0.38 -4.38 0.71
C ILE A 9 0.15 -5.86 1.02
N GLN A 10 -1.02 -6.17 1.54
CA GLN A 10 -1.37 -7.56 1.85
C GLN A 10 -1.53 -8.39 0.59
N HIS A 11 -1.76 -7.71 -0.54
CA HIS A 11 -1.92 -8.39 -1.82
C HIS A 11 -0.61 -8.43 -2.60
N THR A 12 -0.08 -7.26 -2.90
CA THR A 12 1.17 -7.15 -3.64
C THR A 12 2.36 -7.44 -2.74
N GLY A 13 2.52 -6.63 -1.69
CA GLY A 13 3.61 -6.80 -0.77
C GLY A 13 4.66 -5.71 -0.87
N ASP A 14 4.27 -4.58 -1.46
CA ASP A 14 5.19 -3.45 -1.63
C ASP A 14 4.61 -2.20 -1.00
N VAL A 15 5.03 -1.96 0.24
CA VAL A 15 4.57 -0.80 1.00
C VAL A 15 4.97 0.51 0.33
N LYS A 16 6.24 0.86 0.43
CA LYS A 16 6.74 2.10 -0.15
C LYS A 16 6.23 2.29 -1.57
N ALA A 17 6.05 1.19 -2.28
CA ALA A 17 5.56 1.24 -3.66
C ALA A 17 4.14 1.77 -3.70
N CYS A 18 3.25 1.15 -2.94
CA CYS A 18 1.86 1.59 -2.90
C CYS A 18 1.75 2.94 -2.21
N GLU A 19 2.66 3.17 -1.29
CA GLU A 19 2.68 4.43 -0.53
C GLU A 19 2.68 5.63 -1.46
N GLU A 20 3.52 5.56 -2.50
CA GLU A 20 3.63 6.63 -3.47
C GLU A 20 2.61 6.46 -4.60
N ALA A 21 2.37 5.21 -4.97
CA ALA A 21 1.42 4.89 -6.04
C ALA A 21 -0.02 5.13 -5.60
N CYS A 22 -0.25 5.16 -4.29
CA CYS A 22 -1.58 5.37 -3.75
C CYS A 22 -1.68 6.74 -3.07
N GLN A 23 -0.54 7.26 -2.62
CA GLN A 23 -0.50 8.56 -1.96
C GLN A 23 -1.30 8.53 -0.66
N ASN A 1 -4.44 3.73 9.99
CA ASN A 1 -4.03 3.12 8.70
C ASN A 1 -5.08 3.34 7.62
N ASP A 2 -4.74 2.99 6.39
CA ASP A 2 -5.67 3.14 5.27
C ASP A 2 -5.90 1.81 4.57
N PRO A 3 -7.16 1.54 4.16
CA PRO A 3 -7.51 0.28 3.48
C PRO A 3 -6.73 0.11 2.18
N CYS A 4 -6.54 1.22 1.49
CA CYS A 4 -5.80 1.20 0.23
C CYS A 4 -4.39 0.67 0.45
N GLU A 5 -3.57 1.46 1.13
CA GLU A 5 -2.20 1.06 1.42
C GLU A 5 -2.19 -0.31 2.09
N GLU A 6 -3.25 -0.61 2.84
CA GLU A 6 -3.38 -1.88 3.53
C GLU A 6 -3.61 -3.00 2.52
N VAL A 7 -4.39 -2.71 1.48
CA VAL A 7 -4.69 -3.68 0.45
C VAL A 7 -3.42 -4.00 -0.34
N CYS A 8 -2.61 -2.97 -0.56
CA CYS A 8 -1.37 -3.14 -1.29
C CYS A 8 -0.40 -4.01 -0.51
N ILE A 9 0.02 -3.51 0.65
CA ILE A 9 0.95 -4.23 1.50
C ILE A 9 0.45 -5.65 1.76
N GLN A 10 -0.85 -5.80 1.98
CA GLN A 10 -1.44 -7.11 2.23
C GLN A 10 -1.52 -7.92 0.94
N HIS A 11 -1.49 -7.24 -0.20
CA HIS A 11 -1.56 -7.90 -1.49
C HIS A 11 -0.21 -8.47 -1.89
N THR A 12 0.83 -7.65 -1.78
CA THR A 12 2.18 -8.06 -2.13
C THR A 12 3.16 -7.74 -1.01
N GLY A 13 2.97 -6.58 -0.39
CA GLY A 13 3.85 -6.14 0.67
C GLY A 13 4.71 -4.99 0.24
N ASP A 14 4.29 -4.30 -0.82
CA ASP A 14 5.01 -3.18 -1.37
C ASP A 14 4.54 -1.88 -0.71
N VAL A 15 5.06 -1.66 0.48
CA VAL A 15 4.73 -0.47 1.25
C VAL A 15 5.04 0.80 0.49
N LYS A 16 6.33 1.10 0.35
CA LYS A 16 6.75 2.30 -0.37
C LYS A 16 6.03 2.42 -1.71
N ALA A 17 5.63 1.29 -2.28
CA ALA A 17 4.94 1.28 -3.55
C ALA A 17 3.57 1.95 -3.41
N CYS A 18 2.74 1.42 -2.53
CA CYS A 18 1.42 2.01 -2.33
C CYS A 18 1.54 3.36 -1.65
N GLU A 19 2.60 3.50 -0.87
CA GLU A 19 2.86 4.74 -0.13
C GLU A 19 2.80 5.93 -1.08
N GLU A 20 3.42 5.78 -2.24
CA GLU A 20 3.44 6.84 -3.24
C GLU A 20 2.28 6.68 -4.23
N ALA A 21 1.88 5.44 -4.47
CA ALA A 21 0.80 5.15 -5.40
C ALA A 21 -0.57 5.43 -4.77
N CYS A 22 -0.60 5.60 -3.45
CA CYS A 22 -1.85 5.87 -2.75
C CYS A 22 -1.87 7.30 -2.20
N GLN A 23 -0.69 7.83 -1.89
CA GLN A 23 -0.58 9.18 -1.37
C GLN A 23 0.40 10.01 -2.19
N ASN A 1 -3.15 3.69 9.87
CA ASN A 1 -3.04 3.03 8.54
C ASN A 1 -4.34 3.18 7.75
N ASP A 2 -4.23 3.05 6.43
CA ASP A 2 -5.40 3.18 5.56
C ASP A 2 -5.66 1.86 4.82
N PRO A 3 -6.94 1.58 4.50
CA PRO A 3 -7.32 0.36 3.78
C PRO A 3 -6.58 0.23 2.47
N CYS A 4 -6.35 1.36 1.84
CA CYS A 4 -5.63 1.40 0.57
C CYS A 4 -4.26 0.76 0.72
N GLU A 5 -3.35 1.47 1.39
CA GLU A 5 -2.00 0.96 1.62
C GLU A 5 -2.07 -0.44 2.22
N GLU A 6 -3.12 -0.69 2.98
CA GLU A 6 -3.32 -2.01 3.60
C GLU A 6 -3.67 -3.05 2.55
N VAL A 7 -4.43 -2.62 1.54
CA VAL A 7 -4.83 -3.53 0.47
C VAL A 7 -3.62 -3.91 -0.37
N CYS A 8 -2.75 -2.93 -0.62
CA CYS A 8 -1.54 -3.18 -1.39
C CYS A 8 -0.63 -4.14 -0.66
N ILE A 9 -0.19 -3.72 0.52
CA ILE A 9 0.69 -4.54 1.34
C ILE A 9 0.12 -5.94 1.51
N GLN A 10 -1.18 -6.01 1.76
CA GLN A 10 -1.85 -7.29 1.94
C GLN A 10 -1.92 -8.05 0.62
N HIS A 11 -1.79 -7.33 -0.49
CA HIS A 11 -1.82 -7.93 -1.82
C HIS A 11 -0.43 -8.33 -2.28
N THR A 12 0.45 -7.35 -2.39
CA THR A 12 1.82 -7.59 -2.83
C THR A 12 2.79 -7.54 -1.66
N GLY A 13 2.57 -6.59 -0.76
CA GLY A 13 3.43 -6.46 0.40
C GLY A 13 4.52 -5.42 0.20
N ASP A 14 4.25 -4.44 -0.66
CA ASP A 14 5.22 -3.39 -0.93
C ASP A 14 4.71 -2.04 -0.44
N VAL A 15 5.15 -1.68 0.76
CA VAL A 15 4.77 -0.43 1.38
C VAL A 15 5.16 0.75 0.51
N LYS A 16 6.40 0.74 0.04
CA LYS A 16 6.91 1.81 -0.80
C LYS A 16 6.10 1.89 -2.09
N ALA A 17 5.61 0.73 -2.55
CA ALA A 17 4.81 0.68 -3.76
C ALA A 17 3.51 1.44 -3.57
N CYS A 18 2.72 1.03 -2.58
CA CYS A 18 1.46 1.72 -2.34
C CYS A 18 1.71 3.11 -1.78
N GLU A 19 2.83 3.24 -1.09
CA GLU A 19 3.22 4.52 -0.50
C GLU A 19 3.07 5.63 -1.53
N GLU A 20 3.62 5.37 -2.71
CA GLU A 20 3.55 6.33 -3.81
C GLU A 20 2.26 6.16 -4.59
N ALA A 21 1.78 4.92 -4.70
CA ALA A 21 0.54 4.64 -5.43
C ALA A 21 -0.69 5.00 -4.59
N CYS A 22 -0.49 5.37 -3.33
CA CYS A 22 -1.60 5.74 -2.46
C CYS A 22 -1.48 7.18 -1.99
N GLN A 23 -0.62 7.95 -2.66
CA GLN A 23 -0.43 9.36 -2.31
C GLN A 23 -0.60 10.25 -3.53
N ASN A 1 -4.12 2.99 9.95
CA ASN A 1 -3.69 2.54 8.60
C ASN A 1 -4.83 2.64 7.60
N ASP A 2 -4.49 3.01 6.36
CA ASP A 2 -5.49 3.16 5.30
C ASP A 2 -5.74 1.82 4.61
N PRO A 3 -7.00 1.55 4.22
CA PRO A 3 -7.36 0.30 3.54
C PRO A 3 -6.61 0.14 2.24
N CYS A 4 -6.42 1.25 1.54
CA CYS A 4 -5.70 1.25 0.28
C CYS A 4 -4.29 0.69 0.46
N GLU A 5 -3.44 1.46 1.12
CA GLU A 5 -2.07 1.03 1.37
C GLU A 5 -2.07 -0.33 2.08
N GLU A 6 -3.13 -0.58 2.85
CA GLU A 6 -3.26 -1.83 3.56
C GLU A 6 -3.51 -2.97 2.58
N VAL A 7 -4.29 -2.69 1.54
CA VAL A 7 -4.58 -3.67 0.51
C VAL A 7 -3.33 -3.98 -0.28
N CYS A 8 -2.53 -2.95 -0.54
CA CYS A 8 -1.29 -3.10 -1.27
C CYS A 8 -0.34 -4.01 -0.51
N ILE A 9 0.06 -3.58 0.67
CA ILE A 9 0.97 -4.35 1.49
C ILE A 9 0.42 -5.77 1.69
N GLN A 10 -0.88 -5.87 1.91
CA GLN A 10 -1.52 -7.16 2.10
C GLN A 10 -1.53 -7.95 0.79
N HIS A 11 -1.40 -7.26 -0.33
CA HIS A 11 -1.38 -7.90 -1.64
C HIS A 11 0.04 -8.25 -2.06
N THR A 12 0.89 -7.24 -2.14
CA THR A 12 2.28 -7.44 -2.53
C THR A 12 3.22 -7.31 -1.34
N GLY A 13 2.93 -6.35 -0.47
CA GLY A 13 3.75 -6.13 0.70
C GLY A 13 4.78 -5.03 0.49
N ASP A 14 4.47 -4.11 -0.41
CA ASP A 14 5.36 -3.01 -0.71
C ASP A 14 4.79 -1.70 -0.18
N VAL A 15 5.11 -1.42 1.07
CA VAL A 15 4.65 -0.21 1.73
C VAL A 15 5.02 1.03 0.94
N LYS A 16 6.32 1.21 0.72
CA LYS A 16 6.80 2.36 -0.03
C LYS A 16 6.14 2.44 -1.40
N ALA A 17 5.77 1.29 -1.94
CA ALA A 17 5.12 1.25 -3.25
C ALA A 17 3.75 1.92 -3.19
N CYS A 18 2.88 1.42 -2.31
CA CYS A 18 1.56 2.03 -2.20
C CYS A 18 1.67 3.40 -1.56
N GLU A 19 2.68 3.56 -0.73
CA GLU A 19 2.92 4.82 -0.05
C GLU A 19 2.87 5.98 -1.03
N GLU A 20 3.55 5.79 -2.16
CA GLU A 20 3.60 6.80 -3.21
C GLU A 20 2.45 6.63 -4.18
N ALA A 21 2.04 5.38 -4.39
CA ALA A 21 0.94 5.08 -5.31
C ALA A 21 -0.43 5.28 -4.65
N CYS A 22 -0.44 5.58 -3.36
CA CYS A 22 -1.68 5.79 -2.63
C CYS A 22 -1.76 7.21 -2.07
N GLN A 23 -0.85 8.07 -2.50
CA GLN A 23 -0.83 9.46 -2.04
C GLN A 23 -1.10 10.41 -3.20
N ASN A 1 -3.64 2.78 10.15
CA ASN A 1 -3.16 2.89 8.74
C ASN A 1 -4.32 3.06 7.78
N ASP A 2 -4.00 3.13 6.48
CA ASP A 2 -5.02 3.30 5.45
C ASP A 2 -5.36 1.95 4.81
N PRO A 3 -6.64 1.73 4.47
CA PRO A 3 -7.08 0.48 3.84
C PRO A 3 -6.39 0.25 2.51
N CYS A 4 -6.19 1.33 1.78
CA CYS A 4 -5.54 1.28 0.48
C CYS A 4 -4.13 0.70 0.62
N GLU A 5 -3.25 1.46 1.27
CA GLU A 5 -1.89 1.02 1.49
C GLU A 5 -1.88 -0.35 2.18
N GLU A 6 -2.91 -0.59 2.99
CA GLU A 6 -3.04 -1.85 3.69
C GLU A 6 -3.35 -2.97 2.69
N VAL A 7 -4.19 -2.66 1.72
CA VAL A 7 -4.56 -3.61 0.70
C VAL A 7 -3.34 -3.97 -0.14
N CYS A 8 -2.47 -2.99 -0.35
CA CYS A 8 -1.25 -3.20 -1.11
C CYS A 8 -0.31 -4.13 -0.37
N ILE A 9 0.17 -3.67 0.78
CA ILE A 9 1.09 -4.45 1.59
C ILE A 9 0.56 -5.88 1.78
N GLN A 10 -0.73 -6.01 2.04
CA GLN A 10 -1.34 -7.32 2.24
C GLN A 10 -1.47 -8.07 0.91
N HIS A 11 -1.35 -7.35 -0.20
CA HIS A 11 -1.47 -7.96 -1.53
C HIS A 11 -0.10 -8.25 -2.13
N THR A 12 0.73 -7.21 -2.20
CA THR A 12 2.07 -7.33 -2.77
C THR A 12 3.13 -7.33 -1.68
N GLY A 13 2.91 -6.52 -0.64
CA GLY A 13 3.85 -6.44 0.45
C GLY A 13 4.93 -5.40 0.22
N ASP A 14 4.51 -4.18 -0.10
CA ASP A 14 5.45 -3.09 -0.34
C ASP A 14 4.84 -1.75 0.07
N VAL A 15 5.13 -1.36 1.30
CA VAL A 15 4.64 -0.12 1.87
C VAL A 15 5.04 1.07 1.01
N LYS A 16 6.33 1.23 0.79
CA LYS A 16 6.83 2.33 -0.02
C LYS A 16 6.18 2.33 -1.40
N ALA A 17 5.83 1.14 -1.89
CA ALA A 17 5.19 1.02 -3.18
C ALA A 17 3.84 1.69 -3.18
N CYS A 18 2.95 1.24 -2.28
CA CYS A 18 1.63 1.86 -2.22
C CYS A 18 1.74 3.26 -1.68
N GLU A 19 2.74 3.49 -0.86
CA GLU A 19 2.99 4.80 -0.27
C GLU A 19 2.92 5.88 -1.34
N GLU A 20 3.57 5.59 -2.46
CA GLU A 20 3.59 6.51 -3.59
C GLU A 20 2.45 6.22 -4.55
N ALA A 21 2.02 4.96 -4.59
CA ALA A 21 0.94 4.55 -5.49
C ALA A 21 -0.43 4.64 -4.81
N CYS A 22 -0.48 5.25 -3.62
CA CYS A 22 -1.73 5.39 -2.88
C CYS A 22 -2.09 6.86 -2.69
N GLN A 23 -1.07 7.69 -2.50
CA GLN A 23 -1.29 9.12 -2.31
C GLN A 23 -1.28 9.86 -3.64
N ASN A 1 -2.13 4.32 8.66
CA ASN A 1 -1.96 3.78 7.29
C ASN A 1 -3.24 3.89 6.49
N ASP A 2 -3.12 3.89 5.16
CA ASP A 2 -4.29 3.98 4.29
C ASP A 2 -4.82 2.59 3.95
N PRO A 3 -6.15 2.44 3.85
CA PRO A 3 -6.79 1.16 3.52
C PRO A 3 -6.31 0.61 2.18
N CYS A 4 -6.09 1.52 1.26
CA CYS A 4 -5.63 1.16 -0.08
C CYS A 4 -4.26 0.51 0.00
N GLU A 5 -3.26 1.28 0.42
CA GLU A 5 -1.90 0.76 0.55
C GLU A 5 -1.90 -0.48 1.45
N GLU A 6 -2.84 -0.52 2.39
CA GLU A 6 -2.96 -1.65 3.30
C GLU A 6 -3.41 -2.90 2.56
N VAL A 7 -4.48 -2.77 1.81
CA VAL A 7 -5.02 -3.87 1.03
C VAL A 7 -4.04 -4.27 -0.06
N CYS A 8 -3.30 -3.28 -0.56
CA CYS A 8 -2.31 -3.50 -1.60
C CYS A 8 -1.03 -4.09 -0.99
N ILE A 9 -0.74 -3.70 0.25
CA ILE A 9 0.43 -4.20 0.94
C ILE A 9 0.27 -5.68 1.26
N GLN A 10 -0.93 -6.06 1.69
CA GLN A 10 -1.22 -7.45 2.02
C GLN A 10 -1.33 -8.30 0.76
N HIS A 11 -1.50 -7.65 -0.39
CA HIS A 11 -1.62 -8.36 -1.66
C HIS A 11 -0.31 -8.31 -2.45
N THR A 12 0.47 -7.27 -2.22
CA THR A 12 1.75 -7.11 -2.92
C THR A 12 2.92 -7.07 -1.94
N GLY A 13 2.79 -6.26 -0.90
CA GLY A 13 3.84 -6.16 0.08
C GLY A 13 4.64 -4.86 -0.05
N ASP A 14 4.71 -4.34 -1.27
CA ASP A 14 5.43 -3.10 -1.53
C ASP A 14 4.77 -1.93 -0.84
N VAL A 15 5.12 -1.76 0.42
CA VAL A 15 4.56 -0.69 1.24
C VAL A 15 4.92 0.68 0.68
N LYS A 16 6.16 1.08 0.87
CA LYS A 16 6.62 2.38 0.39
C LYS A 16 6.20 2.62 -1.06
N ALA A 17 6.07 1.54 -1.82
CA ALA A 17 5.68 1.63 -3.22
C ALA A 17 4.23 2.11 -3.33
N CYS A 18 3.33 1.43 -2.64
CA CYS A 18 1.93 1.81 -2.67
C CYS A 18 1.72 3.12 -1.93
N GLU A 19 2.56 3.36 -0.94
CA GLU A 19 2.49 4.57 -0.14
C GLU A 19 2.53 5.81 -1.02
N GLU A 20 3.45 5.82 -1.98
CA GLU A 20 3.59 6.93 -2.91
C GLU A 20 2.67 6.77 -4.10
N ALA A 21 2.45 5.53 -4.52
CA ALA A 21 1.58 5.24 -5.66
C ALA A 21 0.11 5.48 -5.32
N CYS A 22 -0.21 5.43 -4.02
CA CYS A 22 -1.58 5.64 -3.57
C CYS A 22 -1.71 6.94 -2.78
N GLN A 23 -0.59 7.48 -2.34
CA GLN A 23 -0.58 8.73 -1.58
C GLN A 23 -1.37 8.57 -0.28
N ASN A 1 -3.50 3.37 9.97
CA ASN A 1 -3.23 2.79 8.63
C ASN A 1 -4.46 2.88 7.72
N ASP A 2 -4.24 3.17 6.45
CA ASP A 2 -5.34 3.29 5.49
C ASP A 2 -5.59 1.95 4.79
N PRO A 3 -6.86 1.61 4.53
CA PRO A 3 -7.24 0.37 3.86
C PRO A 3 -6.50 0.19 2.54
N CYS A 4 -6.32 1.29 1.85
CA CYS A 4 -5.62 1.29 0.56
C CYS A 4 -4.22 0.68 0.72
N GLU A 5 -3.34 1.44 1.36
CA GLU A 5 -1.97 0.97 1.59
C GLU A 5 -1.99 -0.41 2.23
N GLU A 6 -3.03 -0.67 3.02
CA GLU A 6 -3.17 -1.96 3.69
C GLU A 6 -3.51 -3.05 2.67
N VAL A 7 -4.32 -2.69 1.68
CA VAL A 7 -4.72 -3.63 0.65
C VAL A 7 -3.52 -4.00 -0.21
N CYS A 8 -2.67 -3.02 -0.47
CA CYS A 8 -1.48 -3.26 -1.28
C CYS A 8 -0.50 -4.15 -0.54
N ILE A 9 -0.01 -3.65 0.60
CA ILE A 9 0.94 -4.40 1.41
C ILE A 9 0.41 -5.80 1.72
N GLN A 10 -0.88 -5.90 2.01
CA GLN A 10 -1.49 -7.18 2.31
C GLN A 10 -1.69 -8.01 1.03
N HIS A 11 -1.69 -7.34 -0.12
CA HIS A 11 -1.87 -8.02 -1.40
C HIS A 11 -0.57 -8.65 -1.88
N THR A 12 0.47 -7.84 -1.95
CA THR A 12 1.79 -8.30 -2.40
C THR A 12 2.85 -8.02 -1.35
N GLY A 13 2.74 -6.85 -0.72
CA GLY A 13 3.70 -6.46 0.29
C GLY A 13 4.57 -5.32 -0.20
N ASP A 14 4.10 -4.63 -1.23
CA ASP A 14 4.81 -3.52 -1.81
C ASP A 14 4.46 -2.22 -1.12
N VAL A 15 5.07 -2.02 0.03
CA VAL A 15 4.84 -0.83 0.83
C VAL A 15 5.15 0.44 0.06
N LYS A 16 6.42 0.67 -0.20
CA LYS A 16 6.85 1.86 -0.94
C LYS A 16 6.02 2.04 -2.22
N ALA A 17 5.52 0.92 -2.75
CA ALA A 17 4.72 0.97 -3.95
C ALA A 17 3.40 1.68 -3.70
N CYS A 18 2.62 1.17 -2.75
CA CYS A 18 1.34 1.81 -2.44
C CYS A 18 1.59 3.15 -1.76
N GLU A 19 2.71 3.24 -1.07
CA GLU A 19 3.08 4.46 -0.36
C GLU A 19 3.01 5.66 -1.29
N GLU A 20 3.54 5.49 -2.49
CA GLU A 20 3.54 6.56 -3.49
C GLU A 20 2.28 6.50 -4.34
N ALA A 21 1.78 5.29 -4.60
CA ALA A 21 0.58 5.11 -5.40
C ALA A 21 -0.67 5.48 -4.61
N CYS A 22 -0.54 5.60 -3.30
CA CYS A 22 -1.68 5.95 -2.45
C CYS A 22 -1.52 7.36 -1.87
N GLN A 23 -0.27 7.78 -1.68
CA GLN A 23 0.01 9.11 -1.14
C GLN A 23 0.79 9.95 -2.15
N ASN A 1 -2.20 3.74 9.30
CA ASN A 1 -1.97 3.13 7.98
C ASN A 1 -3.18 3.33 7.06
N ASP A 2 -2.92 3.53 5.77
CA ASP A 2 -3.98 3.74 4.80
C ASP A 2 -4.61 2.40 4.40
N PRO A 3 -5.95 2.37 4.26
CA PRO A 3 -6.67 1.14 3.88
C PRO A 3 -6.26 0.65 2.50
N CYS A 4 -6.04 1.59 1.61
CA CYS A 4 -5.64 1.27 0.24
C CYS A 4 -4.27 0.60 0.25
N GLU A 5 -3.24 1.32 0.67
CA GLU A 5 -1.89 0.77 0.73
C GLU A 5 -1.87 -0.47 1.61
N GLU A 6 -2.79 -0.53 2.58
CA GLU A 6 -2.89 -1.67 3.47
C GLU A 6 -3.39 -2.90 2.71
N VAL A 7 -4.52 -2.73 2.04
CA VAL A 7 -5.11 -3.81 1.25
C VAL A 7 -4.19 -4.17 0.09
N CYS A 8 -3.49 -3.16 -0.40
CA CYS A 8 -2.56 -3.34 -1.51
C CYS A 8 -1.25 -3.95 -1.01
N ILE A 9 -0.87 -3.62 0.22
CA ILE A 9 0.35 -4.16 0.80
C ILE A 9 0.18 -5.66 1.05
N GLN A 10 -0.99 -6.04 1.54
CA GLN A 10 -1.30 -7.43 1.81
C GLN A 10 -1.39 -8.23 0.51
N HIS A 11 -1.65 -7.54 -0.58
CA HIS A 11 -1.76 -8.18 -1.89
C HIS A 11 -0.43 -8.16 -2.63
N THR A 12 0.22 -7.01 -2.61
CA THR A 12 1.51 -6.85 -3.27
C THR A 12 2.65 -7.17 -2.32
N GLY A 13 2.86 -6.29 -1.35
CA GLY A 13 3.90 -6.48 -0.38
C GLY A 13 4.88 -5.32 -0.30
N ASP A 14 4.76 -4.37 -1.22
CA ASP A 14 5.65 -3.22 -1.23
C ASP A 14 4.94 -1.97 -0.70
N VAL A 15 5.13 -1.74 0.59
CA VAL A 15 4.54 -0.60 1.27
C VAL A 15 4.96 0.71 0.63
N LYS A 16 6.26 0.92 0.53
CA LYS A 16 6.79 2.14 -0.07
C LYS A 16 6.24 2.35 -1.48
N ALA A 17 6.04 1.25 -2.19
CA ALA A 17 5.53 1.32 -3.55
C ALA A 17 4.11 1.88 -3.55
N CYS A 18 3.23 1.26 -2.78
CA CYS A 18 1.85 1.74 -2.72
C CYS A 18 1.78 3.08 -2.00
N GLU A 19 2.72 3.29 -1.10
CA GLU A 19 2.78 4.53 -0.33
C GLU A 19 2.74 5.73 -1.26
N GLU A 20 3.55 5.67 -2.31
CA GLU A 20 3.62 6.74 -3.29
C GLU A 20 2.65 6.51 -4.44
N ALA A 21 2.32 5.23 -4.68
CA ALA A 21 1.40 4.88 -5.75
C ALA A 21 -0.05 5.12 -5.36
N CYS A 22 -0.31 5.24 -4.06
CA CYS A 22 -1.66 5.48 -3.56
C CYS A 22 -1.83 6.90 -3.05
N GLN A 23 -0.80 7.73 -3.24
CA GLN A 23 -0.85 9.12 -2.80
C GLN A 23 -2.04 9.86 -3.40
N ASN A 1 -3.95 3.09 10.31
CA ASN A 1 -3.51 2.66 8.95
C ASN A 1 -4.61 2.92 7.92
N ASP A 2 -4.23 2.96 6.65
CA ASP A 2 -5.17 3.19 5.57
C ASP A 2 -5.52 1.88 4.86
N PRO A 3 -6.80 1.69 4.50
CA PRO A 3 -7.25 0.48 3.82
C PRO A 3 -6.55 0.29 2.48
N CYS A 4 -6.34 1.39 1.79
CA CYS A 4 -5.68 1.37 0.50
C CYS A 4 -4.28 0.77 0.64
N GLU A 5 -3.39 1.51 1.28
CA GLU A 5 -2.03 1.05 1.49
C GLU A 5 -2.04 -0.33 2.15
N GLU A 6 -3.07 -0.58 2.96
CA GLU A 6 -3.23 -1.86 3.64
C GLU A 6 -3.57 -2.96 2.63
N VAL A 7 -4.38 -2.62 1.64
CA VAL A 7 -4.78 -3.56 0.62
C VAL A 7 -3.58 -3.94 -0.23
N CYS A 8 -2.74 -2.94 -0.51
CA CYS A 8 -1.53 -3.17 -1.30
C CYS A 8 -0.59 -4.08 -0.56
N ILE A 9 -0.10 -3.62 0.58
CA ILE A 9 0.83 -4.40 1.38
C ILE A 9 0.27 -5.81 1.61
N GLN A 10 -1.03 -5.89 1.84
CA GLN A 10 -1.69 -7.18 2.05
C GLN A 10 -1.64 -8.03 0.79
N HIS A 11 -1.45 -7.40 -0.36
CA HIS A 11 -1.40 -8.11 -1.63
C HIS A 11 0.04 -8.22 -2.15
N THR A 12 0.67 -7.08 -2.35
CA THR A 12 2.04 -7.05 -2.85
C THR A 12 3.05 -6.91 -1.71
N GLY A 13 2.61 -6.39 -0.58
CA GLY A 13 3.50 -6.22 0.55
C GLY A 13 4.53 -5.13 0.33
N ASP A 14 4.33 -4.33 -0.73
CA ASP A 14 5.24 -3.25 -1.05
C ASP A 14 4.70 -1.92 -0.53
N VAL A 15 5.08 -1.61 0.69
CA VAL A 15 4.66 -0.37 1.33
C VAL A 15 5.04 0.82 0.49
N LYS A 16 6.30 0.89 0.10
CA LYS A 16 6.79 2.00 -0.71
C LYS A 16 6.04 2.06 -2.03
N ALA A 17 5.58 0.91 -2.51
CA ALA A 17 4.84 0.85 -3.76
C ALA A 17 3.50 1.57 -3.62
N CYS A 18 2.69 1.13 -2.67
CA CYS A 18 1.40 1.79 -2.45
C CYS A 18 1.60 3.18 -1.87
N GLU A 19 2.69 3.32 -1.14
CA GLU A 19 3.03 4.61 -0.52
C GLU A 19 2.92 5.73 -1.54
N GLU A 20 3.52 5.49 -2.70
CA GLU A 20 3.50 6.46 -3.78
C GLU A 20 2.28 6.27 -4.67
N ALA A 21 1.81 5.03 -4.78
CA ALA A 21 0.64 4.72 -5.59
C ALA A 21 -0.67 5.00 -4.86
N CYS A 22 -0.57 5.36 -3.58
CA CYS A 22 -1.76 5.66 -2.77
C CYS A 22 -1.81 7.13 -2.39
N GLN A 23 -0.63 7.73 -2.22
CA GLN A 23 -0.54 9.14 -1.85
C GLN A 23 0.73 9.78 -2.43
N ASN A 1 -2.39 4.14 9.38
CA ASN A 1 -1.94 3.56 8.09
C ASN A 1 -3.00 3.74 7.01
N ASP A 2 -2.58 3.70 5.75
CA ASP A 2 -3.50 3.86 4.63
C ASP A 2 -4.21 2.53 4.33
N PRO A 3 -5.56 2.55 4.29
CA PRO A 3 -6.35 1.34 4.01
C PRO A 3 -6.07 0.78 2.62
N CYS A 4 -5.88 1.68 1.68
CA CYS A 4 -5.59 1.31 0.30
C CYS A 4 -4.26 0.58 0.23
N GLU A 5 -3.19 1.30 0.57
CA GLU A 5 -1.86 0.72 0.55
C GLU A 5 -1.80 -0.52 1.44
N GLU A 6 -2.64 -0.55 2.47
CA GLU A 6 -2.70 -1.69 3.38
C GLU A 6 -3.32 -2.89 2.68
N VAL A 7 -4.50 -2.69 2.10
CA VAL A 7 -5.18 -3.74 1.38
C VAL A 7 -4.35 -4.17 0.18
N CYS A 8 -3.60 -3.22 -0.35
CA CYS A 8 -2.75 -3.47 -1.49
C CYS A 8 -1.47 -4.17 -1.04
N ILE A 9 -0.98 -3.81 0.14
CA ILE A 9 0.23 -4.42 0.68
C ILE A 9 -0.01 -5.91 0.86
N GLN A 10 -1.16 -6.25 1.42
CA GLN A 10 -1.51 -7.65 1.64
C GLN A 10 -1.53 -8.41 0.31
N HIS A 11 -1.66 -7.67 -0.79
CA HIS A 11 -1.69 -8.26 -2.12
C HIS A 11 -0.32 -8.23 -2.78
N THR A 12 0.14 -7.02 -3.09
CA THR A 12 1.43 -6.83 -3.74
C THR A 12 2.58 -7.16 -2.79
N GLY A 13 2.44 -6.73 -1.55
CA GLY A 13 3.46 -6.97 -0.55
C GLY A 13 4.57 -5.94 -0.58
N ASP A 14 4.23 -4.71 -0.94
CA ASP A 14 5.21 -3.63 -0.99
C ASP A 14 4.61 -2.32 -0.51
N VAL A 15 4.93 -1.98 0.73
CA VAL A 15 4.43 -0.77 1.35
C VAL A 15 4.86 0.48 0.58
N LYS A 16 6.13 0.83 0.70
CA LYS A 16 6.67 2.01 0.02
C LYS A 16 6.17 2.10 -1.42
N ALA A 17 6.02 0.95 -2.07
CA ALA A 17 5.56 0.91 -3.44
C ALA A 17 4.15 1.47 -3.54
N CYS A 18 3.23 0.91 -2.77
CA CYS A 18 1.85 1.39 -2.80
C CYS A 18 1.75 2.76 -2.17
N GLU A 19 2.65 3.04 -1.25
CA GLU A 19 2.68 4.32 -0.56
C GLU A 19 2.68 5.46 -1.58
N GLU A 20 3.48 5.31 -2.62
CA GLU A 20 3.58 6.31 -3.67
C GLU A 20 2.56 6.03 -4.77
N ALA A 21 2.27 4.75 -4.98
CA ALA A 21 1.32 4.35 -6.01
C ALA A 21 -0.11 4.69 -5.62
N CYS A 22 -0.35 4.89 -4.32
CA CYS A 22 -1.68 5.24 -3.83
C CYS A 22 -1.68 6.60 -3.15
N GLN A 23 -0.59 7.34 -3.30
CA GLN A 23 -0.47 8.66 -2.68
C GLN A 23 -1.55 9.60 -3.23
#